data_4DPR
#
_entry.id   4DPR
#
_cell.length_a   77.552
_cell.length_b   87.398
_cell.length_c   99.592
_cell.angle_alpha   90.00
_cell.angle_beta   90.00
_cell.angle_gamma   90.00
#
_symmetry.space_group_name_H-M   'P 21 21 21'
#
loop_
_entity.id
_entity.type
_entity.pdbx_description
1 polymer 'Leukotriene A-4 hydrolase'
2 non-polymer 'ZINC ION'
3 non-polymer L-CAPTOPRIL
4 non-polymer 'YTTERBIUM (III) ION'
5 non-polymer 'ACETIC ACID'
6 non-polymer GLYCEROL
7 water water
#
_entity_poly.entity_id   1
_entity_poly.type   'polypeptide(L)'
_entity_poly.pdbx_seq_one_letter_code
;MPEIVDTCSLASPASVCRTKHLHLRCSVDFTRRTLTGTAALTVQSQEDNLRSLVLDTKDLTIEKVVINGQEVKYALGERQ
SYKGSPMEISLPIALSKNQEIVIEISFETSPKSSALQWLTPEQTSGKEHPYLFSQCQAIHCRAILPCQDTPSVKLTYTAE
VSVPKELVALMSAIRDGETPDPEDPSRKIYKFIQKVPIPCYLIALVVGALESRQIGPRTLVWSEKEQVEKSAYEFSETES
MLKIAEDLGGPYVWGQYDLLVLPPSFPYGGMENPCLTFVTPTLLAGDKSLSNVIAHEISHSWTGNLVTNKTWDHFWLNEG
HTVYLERHICGRLFGEKFRHFNALGGWGELQNSVKTFGETHPFTKLVVDLTDIDPDVAYSSVPYEKGFALLFYLEQLLGG
PEIFLGFLKAYVEKFSYKSITTDDWKDFLYSYFKDKVDVLNQVDWNAWLYSPGLPPIKPNYDMTLTNACIALSQRWITAK
EDDLNSFNATDLKDLSSHQLNEFLAQTLQRAPLPLGHIKRMQEVYNFNAINNSEIRFRWLRLCIQSKWEDAIPLALKMAT
EQGRMKFTRPLFKDLAAFDKSHDQAVRTYQEHKASMHPVTAMLVGKDLKVD
;
_entity_poly.pdbx_strand_id   A
#
loop_
_chem_comp.id
_chem_comp.type
_chem_comp.name
_chem_comp.formula
ACY non-polymer 'ACETIC ACID' 'C2 H4 O2'
GOL non-polymer GLYCEROL 'C3 H8 O3'
X8Z non-polymer L-CAPTOPRIL 'C9 H15 N O3 S'
YB non-polymer 'YTTERBIUM (III) ION' 'Yb 3'
ZN non-polymer 'ZINC ION' 'Zn 2'
#
# COMPACT_ATOMS: atom_id res chain seq x y z
N VAL A 5 10.98 2.85 -20.66
CA VAL A 5 11.72 3.83 -19.71
C VAL A 5 11.23 3.98 -18.20
N ASP A 6 11.95 3.42 -17.24
CA ASP A 6 11.52 3.67 -15.87
C ASP A 6 12.04 5.01 -15.40
N THR A 7 11.19 6.02 -15.49
CA THR A 7 11.65 7.35 -15.17
C THR A 7 11.82 7.61 -13.66
N CYS A 8 11.48 6.65 -12.79
CA CYS A 8 11.74 6.84 -11.35
C CYS A 8 13.08 6.24 -10.89
N SER A 9 13.76 5.51 -11.76
CA SER A 9 14.99 4.78 -11.34
C SER A 9 16.22 5.41 -12.01
N LEU A 10 17.36 5.49 -11.36
CA LEU A 10 18.57 6.04 -12.01
C LEU A 10 19.51 4.87 -12.39
N ALA A 11 19.04 3.61 -12.18
CA ALA A 11 19.96 2.44 -12.32
C ALA A 11 20.01 2.02 -13.79
N SER A 12 20.99 1.21 -14.16
CA SER A 12 20.98 0.57 -15.49
C SER A 12 19.69 -0.17 -15.62
N PRO A 13 19.04 0.03 -16.76
CA PRO A 13 17.76 -0.59 -17.06
C PRO A 13 17.92 -2.07 -17.36
N ALA A 14 16.80 -2.76 -17.42
CA ALA A 14 16.76 -4.20 -17.59
C ALA A 14 17.41 -4.64 -18.90
N SER A 15 17.51 -3.72 -19.86
CA SER A 15 18.08 -4.01 -21.17
C SER A 15 19.60 -4.13 -21.11
N VAL A 16 20.21 -3.53 -20.09
CA VAL A 16 21.63 -3.54 -19.87
C VAL A 16 21.99 -4.76 -19.04
N CYS A 17 21.32 -4.87 -17.89
CA CYS A 17 21.63 -5.96 -16.99
C CYS A 17 20.46 -6.15 -16.04
N ARG A 18 20.39 -7.33 -15.46
CA ARG A 18 19.27 -7.67 -14.58
C ARG A 18 19.79 -8.33 -13.32
N THR A 19 19.31 -7.90 -12.17
CA THR A 19 19.62 -8.64 -10.94
C THR A 19 18.82 -9.92 -10.90
N LYS A 20 19.47 -11.04 -10.53
CA LYS A 20 18.78 -12.31 -10.48
CA LYS A 20 18.92 -12.38 -10.47
C LYS A 20 18.54 -12.73 -9.05
N HIS A 21 19.36 -12.24 -8.14
CA HIS A 21 19.33 -12.69 -6.76
C HIS A 21 19.99 -11.66 -5.88
N LEU A 22 19.51 -11.57 -4.62
CA LEU A 22 20.08 -10.76 -3.57
C LEU A 22 20.37 -11.68 -2.39
N HIS A 23 21.60 -11.63 -1.90
CA HIS A 23 21.89 -12.22 -0.62
C HIS A 23 22.26 -11.10 0.36
N LEU A 24 21.34 -10.86 1.31
CA LEU A 24 21.45 -9.82 2.27
C LEU A 24 21.92 -10.40 3.62
N ARG A 25 23.05 -9.87 4.09
CA ARG A 25 23.53 -10.15 5.45
CA ARG A 25 23.51 -10.16 5.44
C ARG A 25 23.47 -8.80 6.09
N CYS A 26 22.72 -8.65 7.16
CA CYS A 26 22.70 -7.32 7.78
C CYS A 26 22.41 -7.35 9.25
N SER A 27 22.58 -6.19 9.88
CA SER A 27 22.41 -6.13 11.29
C SER A 27 21.65 -4.85 11.66
N VAL A 28 20.65 -5.00 12.53
CA VAL A 28 19.76 -3.92 12.89
C VAL A 28 20.28 -3.30 14.15
N ASP A 29 20.87 -2.11 14.05
CA ASP A 29 21.41 -1.36 15.19
CA ASP A 29 21.42 -1.33 15.18
C ASP A 29 20.40 -0.32 15.73
N PHE A 30 19.68 -0.65 16.81
CA PHE A 30 18.72 0.30 17.40
C PHE A 30 19.31 1.56 18.01
N THR A 31 20.55 1.44 18.52
CA THR A 31 21.33 2.53 19.11
C THR A 31 21.68 3.57 18.11
N ARG A 32 22.16 3.16 16.92
CA ARG A 32 22.45 4.12 15.87
CA ARG A 32 22.43 4.13 15.82
C ARG A 32 21.24 4.37 14.92
N ARG A 33 20.22 3.51 15.00
CA ARG A 33 19.10 3.51 14.01
C ARG A 33 19.69 3.38 12.55
N THR A 34 20.55 2.38 12.37
CA THR A 34 21.01 2.03 11.06
C THR A 34 20.89 0.54 10.85
N LEU A 35 20.69 0.13 9.60
CA LEU A 35 20.97 -1.23 9.19
C LEU A 35 22.37 -1.24 8.56
N THR A 36 23.26 -2.16 8.97
CA THR A 36 24.61 -2.22 8.41
CA THR A 36 24.59 -2.24 8.40
C THR A 36 24.80 -3.64 7.90
N GLY A 37 25.43 -3.78 6.74
CA GLY A 37 25.69 -5.14 6.29
C GLY A 37 26.16 -5.17 4.87
N THR A 38 25.97 -6.33 4.23
CA THR A 38 26.36 -6.50 2.84
C THR A 38 25.15 -6.97 2.00
N ALA A 39 24.96 -6.31 0.86
CA ALA A 39 24.05 -6.79 -0.19
C ALA A 39 24.92 -7.40 -1.30
N ALA A 40 24.83 -8.70 -1.52
CA ALA A 40 25.48 -9.35 -2.67
C ALA A 40 24.49 -9.55 -3.74
N LEU A 41 24.64 -8.77 -4.81
CA LEU A 41 23.73 -8.84 -5.95
C LEU A 41 24.30 -9.78 -6.98
N THR A 42 23.55 -10.82 -7.36
CA THR A 42 23.90 -11.61 -8.58
C THR A 42 23.34 -10.94 -9.83
N VAL A 43 24.22 -10.44 -10.69
CA VAL A 43 23.80 -9.58 -11.79
C VAL A 43 24.08 -10.28 -13.12
N GLN A 44 23.05 -10.39 -13.96
CA GLN A 44 23.26 -10.90 -15.25
C GLN A 44 23.38 -9.79 -16.33
N SER A 45 24.42 -9.85 -17.16
CA SER A 45 24.54 -8.90 -18.26
C SER A 45 23.52 -9.21 -19.35
N GLN A 46 22.95 -8.18 -19.97
CA GLN A 46 22.04 -8.35 -21.08
CA GLN A 46 22.08 -8.41 -21.09
C GLN A 46 22.69 -7.80 -22.35
N GLU A 47 23.98 -7.42 -22.25
CA GLU A 47 24.69 -6.88 -23.40
CA GLU A 47 24.72 -6.80 -23.35
C GLU A 47 26.11 -7.39 -23.51
N ASP A 48 26.62 -7.35 -24.73
CA ASP A 48 28.01 -7.74 -24.97
C ASP A 48 28.96 -6.71 -24.37
N ASN A 49 30.11 -7.16 -23.86
CA ASN A 49 31.15 -6.30 -23.41
C ASN A 49 30.75 -5.34 -22.29
N LEU A 50 30.11 -5.84 -21.25
CA LEU A 50 29.59 -4.91 -20.23
C LEU A 50 30.64 -4.65 -19.20
N ARG A 51 30.97 -3.37 -19.01
CA ARG A 51 32.08 -2.95 -18.14
C ARG A 51 31.75 -2.15 -16.95
N SER A 52 30.58 -1.57 -16.95
CA SER A 52 30.15 -0.95 -15.70
C SER A 52 28.60 -1.03 -15.60
N LEU A 53 28.05 -0.71 -14.43
CA LEU A 53 26.59 -0.60 -14.33
C LEU A 53 26.26 0.39 -13.23
N VAL A 54 24.99 0.77 -13.20
CA VAL A 54 24.52 1.73 -12.25
C VAL A 54 23.36 1.21 -11.37
N LEU A 55 23.45 1.49 -10.09
CA LEU A 55 22.40 1.15 -9.11
C LEU A 55 21.83 2.43 -8.45
N ASP A 56 20.63 2.30 -7.88
CA ASP A 56 19.94 3.35 -7.18
C ASP A 56 20.40 3.31 -5.73
N THR A 57 20.49 4.43 -5.10
CA THR A 57 20.74 4.41 -3.65
C THR A 57 20.00 5.63 -3.19
N LYS A 58 19.73 5.71 -1.90
CA LYS A 58 19.25 6.99 -1.30
C LYS A 58 19.67 7.06 0.15
N ASP A 59 20.53 8.03 0.45
CA ASP A 59 21.05 8.28 1.80
C ASP A 59 21.79 7.08 2.39
N LEU A 60 22.52 6.34 1.55
CA LEU A 60 23.28 5.16 1.95
C LEU A 60 24.70 5.55 2.11
N THR A 61 25.39 4.92 3.03
CA THR A 61 26.83 5.15 3.21
C THR A 61 27.45 3.94 2.62
N ILE A 62 28.33 4.11 1.63
CA ILE A 62 28.98 2.95 1.02
C ILE A 62 30.40 2.77 1.59
N GLU A 63 30.66 1.62 2.18
N GLU A 63 30.68 1.59 2.12
CA GLU A 63 32.00 1.40 2.68
CA GLU A 63 31.96 1.35 2.75
C GLU A 63 32.87 0.88 1.54
C GLU A 63 32.93 0.55 1.82
N LYS A 64 32.40 -0.13 0.82
CA LYS A 64 33.20 -0.80 -0.22
C LYS A 64 32.34 -1.68 -1.13
N VAL A 65 32.96 -2.05 -2.25
CA VAL A 65 32.35 -2.91 -3.27
C VAL A 65 33.37 -3.96 -3.62
N VAL A 66 33.00 -5.21 -3.39
CA VAL A 66 33.89 -6.31 -3.62
C VAL A 66 33.28 -7.23 -4.66
N ILE A 67 34.07 -7.50 -5.68
CA ILE A 67 33.80 -8.48 -6.70
C ILE A 67 35.03 -9.43 -6.82
N ASN A 68 34.76 -10.73 -6.68
CA ASN A 68 35.76 -11.79 -6.80
C ASN A 68 36.84 -11.55 -5.77
N GLY A 69 36.44 -11.26 -4.55
CA GLY A 69 37.43 -11.10 -3.51
C GLY A 69 38.23 -9.83 -3.54
N GLN A 70 38.19 -9.03 -4.61
CA GLN A 70 38.84 -7.70 -4.59
C GLN A 70 37.90 -6.48 -4.55
N GLU A 71 38.34 -5.40 -3.92
CA GLU A 71 37.61 -4.15 -4.02
C GLU A 71 37.71 -3.51 -5.37
N VAL A 72 36.61 -2.90 -5.81
CA VAL A 72 36.62 -2.27 -7.10
C VAL A 72 36.25 -0.84 -6.93
N LYS A 73 36.40 -0.09 -7.99
CA LYS A 73 36.07 1.33 -8.01
C LYS A 73 34.55 1.57 -8.20
N TYR A 74 34.00 2.59 -7.57
CA TYR A 74 32.62 2.96 -7.79
C TYR A 74 32.53 4.45 -7.60
N ALA A 75 31.49 5.08 -8.06
CA ALA A 75 31.28 6.50 -7.73
C ALA A 75 29.81 6.76 -7.47
N LEU A 76 29.52 7.72 -6.60
CA LEU A 76 28.16 8.17 -6.36
C LEU A 76 28.00 9.53 -7.02
N GLY A 77 27.00 9.62 -7.86
CA GLY A 77 26.65 10.86 -8.53
C GLY A 77 25.98 11.78 -7.52
N GLU A 78 25.68 13.00 -7.93
CA GLU A 78 25.00 13.94 -7.03
C GLU A 78 23.52 13.55 -6.82
N ARG A 79 23.00 13.91 -5.65
CA ARG A 79 21.60 13.74 -5.29
C ARG A 79 20.61 14.27 -6.33
N GLN A 80 19.63 13.44 -6.73
CA GLN A 80 18.54 13.92 -7.56
C GLN A 80 17.25 13.92 -6.72
N SER A 81 17.27 14.73 -5.67
CA SER A 81 16.22 14.85 -4.67
CA SER A 81 16.15 14.87 -4.78
C SER A 81 15.67 13.48 -4.31
N TYR A 82 14.37 13.24 -4.49
CA TYR A 82 13.71 12.02 -4.04
C TYR A 82 14.16 10.71 -4.78
N LYS A 83 14.83 10.81 -5.95
CA LYS A 83 15.35 9.62 -6.67
C LYS A 83 16.65 9.12 -5.99
N GLY A 84 17.22 9.93 -5.08
CA GLY A 84 18.49 9.55 -4.45
C GLY A 84 19.70 9.72 -5.37
N SER A 85 20.74 8.92 -5.13
CA SER A 85 22.00 9.10 -5.83
C SER A 85 22.41 7.90 -6.63
N PRO A 86 22.81 8.11 -7.88
CA PRO A 86 23.17 6.94 -8.71
C PRO A 86 24.54 6.41 -8.34
N MET A 87 24.69 5.10 -8.25
CA MET A 87 25.97 4.51 -7.86
C MET A 87 26.56 3.76 -9.05
N GLU A 88 27.69 4.23 -9.59
CA GLU A 88 28.23 3.54 -10.75
C GLU A 88 29.38 2.62 -10.27
N ILE A 89 29.36 1.38 -10.74
CA ILE A 89 30.37 0.44 -10.29
C ILE A 89 31.23 -0.03 -11.48
N SER A 90 32.56 -0.02 -11.36
CA SER A 90 33.36 -0.52 -12.49
C SER A 90 33.62 -2.00 -12.34
N LEU A 91 33.15 -2.81 -13.29
CA LEU A 91 33.38 -4.25 -13.22
C LEU A 91 34.91 -4.55 -13.46
N PRO A 92 35.47 -5.54 -12.73
CA PRO A 92 36.89 -5.83 -12.97
C PRO A 92 37.12 -6.64 -14.21
N ILE A 93 36.08 -7.23 -14.83
CA ILE A 93 36.23 -7.85 -16.18
C ILE A 93 35.01 -7.57 -17.00
N ALA A 94 35.23 -7.33 -18.28
CA ALA A 94 34.10 -7.18 -19.22
C ALA A 94 33.22 -8.48 -19.30
N LEU A 95 31.90 -8.32 -19.16
CA LEU A 95 30.99 -9.46 -19.27
C LEU A 95 30.38 -9.63 -20.68
N SER A 96 30.24 -10.88 -21.16
CA SER A 96 29.43 -11.20 -22.33
C SER A 96 27.94 -11.25 -22.00
N LYS A 97 27.14 -11.26 -23.04
CA LYS A 97 25.68 -11.33 -22.84
C LYS A 97 25.34 -12.61 -22.10
N ASN A 98 24.54 -12.47 -21.04
CA ASN A 98 24.11 -13.61 -20.16
C ASN A 98 25.07 -14.10 -19.14
N GLN A 99 26.29 -13.55 -19.13
CA GLN A 99 27.22 -13.88 -18.05
C GLN A 99 26.76 -13.25 -16.72
N GLU A 100 27.06 -13.92 -15.62
CA GLU A 100 26.71 -13.43 -14.30
C GLU A 100 27.91 -13.10 -13.43
N ILE A 101 27.79 -12.10 -12.55
CA ILE A 101 28.79 -11.95 -11.53
C ILE A 101 28.08 -11.60 -10.26
N VAL A 102 28.83 -11.67 -9.14
CA VAL A 102 28.28 -11.38 -7.84
C VAL A 102 28.97 -10.12 -7.33
N ILE A 103 28.16 -9.10 -7.00
CA ILE A 103 28.72 -7.84 -6.47
C ILE A 103 28.31 -7.69 -5.00
N GLU A 104 29.29 -7.66 -4.14
CA GLU A 104 29.01 -7.54 -2.71
CA GLU A 104 29.05 -7.54 -2.69
C GLU A 104 29.24 -6.09 -2.22
N ILE A 105 28.16 -5.44 -1.83
CA ILE A 105 28.28 -4.06 -1.38
C ILE A 105 28.08 -3.89 0.13
N SER A 106 29.10 -3.41 0.82
CA SER A 106 29.01 -3.02 2.25
C SER A 106 28.48 -1.60 2.42
N PHE A 107 27.43 -1.48 3.23
CA PHE A 107 26.59 -0.32 3.27
C PHE A 107 26.03 -0.15 4.67
N GLU A 108 25.46 1.02 4.89
CA GLU A 108 24.86 1.40 6.13
C GLU A 108 23.74 2.36 5.74
N THR A 109 22.59 2.26 6.38
CA THR A 109 21.49 3.17 6.04
C THR A 109 21.62 4.44 6.89
N SER A 110 20.99 5.54 6.47
CA SER A 110 20.78 6.73 7.31
CA SER A 110 20.82 6.71 7.34
C SER A 110 19.69 6.50 8.32
N PRO A 111 19.84 7.07 9.55
CA PRO A 111 18.68 7.05 10.41
C PRO A 111 17.50 7.77 9.78
N LYS A 112 17.70 8.72 8.88
CA LYS A 112 16.54 9.29 8.16
C LYS A 112 16.06 8.52 6.92
N SER A 113 16.41 7.24 6.77
CA SER A 113 15.93 6.45 5.62
C SER A 113 14.42 6.52 5.33
N SER A 114 14.02 6.88 4.10
N SER A 114 14.12 6.84 4.06
CA SER A 114 12.59 7.00 3.81
CA SER A 114 12.76 6.96 3.53
C SER A 114 11.87 5.64 3.70
C SER A 114 11.93 5.67 3.62
N ALA A 115 12.63 4.55 3.67
CA ALA A 115 12.05 3.24 3.80
C ALA A 115 11.63 2.87 5.21
N LEU A 116 12.15 3.54 6.23
CA LEU A 116 12.13 2.98 7.55
C LEU A 116 11.50 3.88 8.59
N GLN A 117 10.81 3.24 9.54
CA GLN A 117 10.45 3.91 10.75
C GLN A 117 10.97 3.13 11.94
N TRP A 118 11.72 3.86 12.77
CA TRP A 118 12.31 3.42 14.02
C TRP A 118 11.51 3.95 15.23
N LEU A 119 11.05 3.04 16.06
CA LEU A 119 10.21 3.39 17.18
C LEU A 119 10.93 3.09 18.48
N THR A 120 10.83 4.05 19.38
CA THR A 120 11.32 3.82 20.73
C THR A 120 10.30 2.90 21.44
N PRO A 121 10.72 2.29 22.58
CA PRO A 121 9.80 1.47 23.35
C PRO A 121 8.45 2.17 23.68
N GLU A 122 8.50 3.42 24.10
CA GLU A 122 7.29 4.19 24.46
CA GLU A 122 7.32 4.25 24.44
C GLU A 122 6.33 4.39 23.26
N GLN A 123 6.84 4.34 22.03
CA GLN A 123 5.97 4.34 20.86
C GLN A 123 5.32 2.93 20.49
N THR A 124 5.60 1.90 21.27
CA THR A 124 5.03 0.58 20.97
C THR A 124 3.91 0.22 21.94
N SER A 125 3.28 -0.95 21.74
CA SER A 125 2.29 -1.46 22.71
C SER A 125 2.88 -1.88 24.05
N GLY A 126 3.99 -2.63 24.02
CA GLY A 126 4.45 -3.28 25.21
C GLY A 126 5.31 -2.32 26.04
N LYS A 127 5.85 -1.26 25.43
CA LYS A 127 6.59 -0.19 26.16
C LYS A 127 7.99 -0.61 26.64
N GLU A 128 8.42 -1.81 26.29
CA GLU A 128 9.70 -2.31 26.79
C GLU A 128 10.78 -2.49 25.72
N HIS A 129 10.38 -2.57 24.46
CA HIS A 129 11.31 -2.87 23.38
C HIS A 129 11.02 -1.90 22.23
N PRO A 130 12.06 -1.55 21.45
CA PRO A 130 11.91 -0.72 20.26
C PRO A 130 11.40 -1.65 19.12
N TYR A 131 11.20 -1.08 17.96
CA TYR A 131 10.54 -1.75 16.84
C TYR A 131 11.04 -1.06 15.57
N LEU A 132 11.10 -1.79 14.45
CA LEU A 132 11.48 -1.18 13.19
C LEU A 132 10.61 -1.83 12.15
N PHE A 133 10.25 -1.07 11.12
CA PHE A 133 9.57 -1.68 9.99
C PHE A 133 9.86 -0.89 8.70
N SER A 134 9.77 -1.60 7.57
CA SER A 134 10.10 -1.00 6.28
C SER A 134 8.82 -0.84 5.46
N GLN A 135 8.89 0.02 4.45
CA GLN A 135 7.82 0.17 3.47
C GLN A 135 8.53 0.60 2.17
N CYS A 136 8.83 -0.38 1.28
CA CYS A 136 9.66 -0.09 0.07
C CYS A 136 8.93 0.51 -1.10
N GLN A 137 7.64 0.20 -1.20
CA GLN A 137 6.83 0.68 -2.31
C GLN A 137 6.60 2.19 -2.14
N ALA A 138 6.86 3.00 -3.16
CA ALA A 138 7.32 2.59 -4.51
C ALA A 138 8.85 2.45 -4.69
N ILE A 139 9.59 3.51 -4.31
CA ILE A 139 11.00 3.55 -4.66
C ILE A 139 11.85 3.81 -3.40
N HIS A 140 11.50 3.13 -2.32
CA HIS A 140 12.28 3.25 -1.10
C HIS A 140 13.21 2.08 -0.87
N CYS A 141 13.12 1.00 -1.66
CA CYS A 141 14.16 -0.05 -1.51
C CYS A 141 15.57 0.53 -1.57
N ARG A 142 15.81 1.47 -2.49
CA ARG A 142 17.12 2.14 -2.58
C ARG A 142 17.55 2.86 -1.29
N ALA A 143 16.60 3.10 -0.37
CA ALA A 143 16.89 3.80 0.85
C ALA A 143 17.27 2.78 1.94
N ILE A 144 17.23 1.50 1.56
CA ILE A 144 17.71 0.41 2.40
C ILE A 144 19.02 -0.20 1.87
N LEU A 145 19.15 -0.42 0.55
CA LEU A 145 20.32 -1.17 -0.01
C LEU A 145 20.50 -0.77 -1.49
N PRO A 146 21.73 -0.82 -2.04
CA PRO A 146 21.90 -0.44 -3.46
C PRO A 146 21.18 -1.48 -4.30
N CYS A 147 20.40 -1.09 -5.32
CA CYS A 147 19.68 -2.09 -6.11
C CYS A 147 19.20 -1.40 -7.40
N GLN A 148 18.78 -2.18 -8.40
CA GLN A 148 18.11 -1.57 -9.60
C GLN A 148 16.65 -1.42 -9.11
N ASP A 149 16.35 -0.22 -8.63
CA ASP A 149 15.09 -0.01 -7.89
C ASP A 149 13.92 0.30 -8.85
N THR A 150 13.48 -0.74 -9.53
CA THR A 150 12.52 -0.64 -10.60
C THR A 150 11.80 -1.98 -10.60
N PRO A 151 10.48 -1.95 -10.79
CA PRO A 151 9.66 -3.17 -10.77
C PRO A 151 9.69 -3.93 -12.11
N SER A 152 10.47 -3.41 -13.06
CA SER A 152 10.83 -4.11 -14.34
C SER A 152 11.84 -5.24 -14.13
N VAL A 153 12.46 -5.32 -12.94
CA VAL A 153 13.43 -6.39 -12.64
C VAL A 153 12.87 -7.26 -11.47
N LYS A 154 12.93 -8.61 -11.59
CA LYS A 154 12.51 -9.52 -10.52
C LYS A 154 13.68 -10.42 -10.18
N LEU A 155 13.90 -10.57 -8.88
CA LEU A 155 15.01 -11.35 -8.32
C LEU A 155 14.44 -12.22 -7.18
N THR A 156 15.15 -13.32 -6.89
CA THR A 156 14.86 -14.08 -5.69
C THR A 156 15.79 -13.50 -4.60
N TYR A 157 15.57 -13.89 -3.35
CA TYR A 157 16.49 -13.41 -2.32
C TYR A 157 16.63 -14.27 -1.07
N THR A 158 17.82 -14.23 -0.45
CA THR A 158 18.02 -14.88 0.85
C THR A 158 18.50 -13.77 1.76
N ALA A 159 18.28 -13.90 3.07
CA ALA A 159 18.74 -12.86 4.00
C ALA A 159 19.05 -13.49 5.37
N GLU A 160 19.97 -12.87 6.09
CA GLU A 160 20.27 -13.26 7.44
C GLU A 160 20.35 -11.95 8.16
N VAL A 161 19.57 -11.83 9.21
CA VAL A 161 19.40 -10.51 9.85
C VAL A 161 19.72 -10.63 11.36
N SER A 162 20.72 -9.88 11.81
CA SER A 162 21.09 -9.97 13.19
C SER A 162 20.36 -8.91 14.00
N VAL A 163 19.63 -9.37 15.01
CA VAL A 163 18.85 -8.46 15.89
C VAL A 163 19.15 -8.71 17.40
N PRO A 164 18.89 -7.73 18.29
CA PRO A 164 18.95 -8.08 19.72
C PRO A 164 18.12 -9.34 19.98
N LYS A 165 18.69 -10.25 20.75
CA LYS A 165 18.14 -11.58 20.94
C LYS A 165 16.70 -11.60 21.49
N GLU A 166 16.32 -10.61 22.31
CA GLU A 166 14.97 -10.57 22.83
C GLU A 166 13.93 -10.20 21.72
N LEU A 167 14.40 -9.74 20.57
CA LEU A 167 13.49 -9.39 19.46
C LEU A 167 13.33 -10.50 18.35
N VAL A 168 12.33 -10.30 17.47
CA VAL A 168 11.97 -11.22 16.36
C VAL A 168 12.07 -10.44 15.05
N ALA A 169 12.73 -11.00 14.02
CA ALA A 169 12.80 -10.40 12.68
C ALA A 169 11.93 -11.25 11.82
N LEU A 170 11.19 -10.57 10.90
CA LEU A 170 10.40 -11.23 9.84
C LEU A 170 10.61 -10.50 8.53
N MET A 171 10.58 -11.23 7.43
CA MET A 171 10.59 -10.60 6.10
C MET A 171 9.54 -11.18 5.19
N SER A 172 9.50 -10.62 3.97
CA SER A 172 8.61 -11.02 2.90
C SER A 172 9.19 -12.27 2.22
N ALA A 173 9.28 -13.32 3.01
CA ALA A 173 9.98 -14.54 2.60
C ALA A 173 9.63 -15.66 3.65
N ILE A 174 10.06 -16.89 3.38
CA ILE A 174 9.84 -18.00 4.29
C ILE A 174 10.91 -18.01 5.37
N ARG A 175 10.52 -18.26 6.62
CA ARG A 175 11.42 -18.22 7.76
CA ARG A 175 11.45 -18.22 7.74
C ARG A 175 12.34 -19.42 7.55
N ASP A 176 13.65 -19.24 7.69
CA ASP A 176 14.51 -20.34 7.42
C ASP A 176 15.41 -20.72 8.59
N GLY A 177 14.95 -20.51 9.82
CA GLY A 177 15.71 -20.88 11.01
C GLY A 177 16.27 -19.65 11.74
N GLU A 178 16.69 -19.84 12.98
CA GLU A 178 17.34 -18.78 13.77
C GLU A 178 18.50 -19.43 14.51
N THR A 179 19.58 -18.69 14.80
CA THR A 179 20.67 -19.19 15.65
C THR A 179 21.23 -18.01 16.42
N PRO A 180 21.97 -18.30 17.52
CA PRO A 180 22.62 -17.13 18.12
C PRO A 180 23.64 -16.53 17.15
N ASP A 181 23.81 -15.23 17.25
CA ASP A 181 24.77 -14.56 16.40
C ASP A 181 26.16 -15.01 16.90
N PRO A 182 26.99 -15.60 16.01
CA PRO A 182 28.17 -16.23 16.57
C PRO A 182 29.26 -15.17 16.87
N GLU A 183 28.98 -13.92 16.57
CA GLU A 183 29.94 -12.90 16.77
C GLU A 183 29.47 -12.01 17.91
N ASP A 184 28.30 -12.31 18.47
CA ASP A 184 27.74 -11.47 19.53
C ASP A 184 26.60 -12.25 20.20
N PRO A 185 26.88 -12.83 21.38
CA PRO A 185 25.83 -13.65 21.98
C PRO A 185 24.68 -12.83 22.54
N SER A 186 24.65 -11.52 22.38
CA SER A 186 23.49 -10.76 22.85
C SER A 186 22.46 -10.55 21.68
N ARG A 187 22.66 -11.26 20.55
CA ARG A 187 21.94 -11.04 19.26
C ARG A 187 21.60 -12.40 18.68
N LYS A 188 20.50 -12.46 17.92
CA LYS A 188 20.11 -13.67 17.17
C LYS A 188 20.11 -13.36 15.68
N ILE A 189 20.39 -14.37 14.88
CA ILE A 189 20.34 -14.24 13.44
C ILE A 189 19.09 -15.00 12.97
N TYR A 190 18.26 -14.30 12.22
CA TYR A 190 17.09 -14.94 11.60
C TYR A 190 17.38 -15.00 10.13
N LYS A 191 17.04 -16.15 9.57
CA LYS A 191 17.32 -16.43 8.19
C LYS A 191 16.02 -16.50 7.41
N PHE A 192 16.13 -16.16 6.11
CA PHE A 192 14.97 -16.09 5.22
C PHE A 192 15.27 -16.49 3.82
N ILE A 193 14.25 -17.02 3.13
CA ILE A 193 14.42 -17.40 1.78
C ILE A 193 13.16 -17.03 0.96
N GLN A 194 13.35 -16.25 -0.11
CA GLN A 194 12.30 -16.01 -1.05
C GLN A 194 12.68 -16.67 -2.34
N LYS A 195 12.01 -17.77 -2.68
CA LYS A 195 12.33 -18.62 -3.88
C LYS A 195 11.58 -18.14 -5.14
N VAL A 196 10.55 -17.31 -5.01
CA VAL A 196 9.80 -16.84 -6.15
C VAL A 196 10.38 -15.48 -6.57
N PRO A 197 10.70 -15.28 -7.87
CA PRO A 197 11.25 -13.96 -8.30
C PRO A 197 10.27 -12.77 -8.02
N ILE A 198 10.74 -11.71 -7.33
CA ILE A 198 9.88 -10.56 -6.97
C ILE A 198 10.56 -9.26 -7.38
N PRO A 199 9.75 -8.20 -7.64
CA PRO A 199 10.34 -6.87 -7.77
C PRO A 199 10.91 -6.43 -6.41
N CYS A 200 11.92 -5.60 -6.42
CA CYS A 200 12.53 -5.27 -5.14
C CYS A 200 11.59 -4.49 -4.22
N TYR A 201 10.57 -3.79 -4.75
CA TYR A 201 9.67 -3.10 -3.85
C TYR A 201 8.98 -4.03 -2.88
N LEU A 202 8.98 -5.32 -3.16
CA LEU A 202 8.32 -6.29 -2.32
C LEU A 202 9.25 -6.85 -1.21
N ILE A 203 10.48 -6.33 -1.11
CA ILE A 203 11.42 -6.69 -0.01
C ILE A 203 10.91 -5.92 1.24
N ALA A 204 10.71 -6.65 2.35
CA ALA A 204 10.24 -6.03 3.58
C ALA A 204 10.85 -6.70 4.80
N LEU A 205 11.00 -5.89 5.85
CA LEU A 205 11.63 -6.24 7.11
C LEU A 205 10.86 -5.64 8.31
N VAL A 206 10.54 -6.47 9.30
CA VAL A 206 10.04 -5.92 10.59
C VAL A 206 10.89 -6.52 11.74
N VAL A 207 11.20 -5.71 12.77
CA VAL A 207 11.93 -6.26 13.83
C VAL A 207 11.25 -5.72 15.07
N GLY A 208 10.84 -6.57 16.02
CA GLY A 208 10.09 -6.07 17.21
C GLY A 208 9.76 -7.20 18.15
N ALA A 209 9.10 -6.90 19.29
CA ALA A 209 8.64 -7.91 20.25
C ALA A 209 7.34 -8.52 19.74
N LEU A 210 7.50 -9.51 18.87
CA LEU A 210 6.38 -10.06 18.14
C LEU A 210 6.03 -11.46 18.62
N GLU A 211 4.74 -11.74 18.63
CA GLU A 211 4.20 -13.09 18.88
C GLU A 211 3.31 -13.51 17.71
N SER A 212 2.98 -14.82 17.61
CA SER A 212 2.18 -15.34 16.52
C SER A 212 1.10 -16.23 17.06
N ARG A 213 -0.02 -16.19 16.38
CA ARG A 213 -1.05 -17.17 16.64
C ARG A 213 -1.48 -17.70 15.28
N GLN A 214 -1.72 -19.00 15.23
CA GLN A 214 -2.18 -19.59 14.03
C GLN A 214 -3.67 -19.36 13.82
N ILE A 215 -4.06 -18.99 12.57
CA ILE A 215 -5.52 -18.82 12.25
C ILE A 215 -6.09 -19.55 11.04
N GLY A 216 -5.24 -20.25 10.32
CA GLY A 216 -5.75 -21.17 9.32
C GLY A 216 -4.59 -22.08 8.93
N PRO A 217 -4.79 -22.95 7.94
CA PRO A 217 -3.72 -23.92 7.66
C PRO A 217 -2.42 -23.31 7.12
N ARG A 218 -2.43 -22.09 6.56
CA ARG A 218 -1.14 -21.57 6.05
C ARG A 218 -1.02 -20.13 6.48
N THR A 219 -1.61 -19.82 7.63
CA THR A 219 -1.55 -18.43 8.12
C THR A 219 -1.32 -18.29 9.62
N LEU A 220 -0.31 -17.52 9.95
CA LEU A 220 -0.14 -17.02 11.31
C LEU A 220 -0.41 -15.53 11.26
N VAL A 221 -1.05 -14.97 12.34
CA VAL A 221 -1.06 -13.50 12.57
CA VAL A 221 -1.07 -13.51 12.57
C VAL A 221 0.03 -13.19 13.55
N TRP A 222 0.73 -12.08 13.28
CA TRP A 222 1.79 -11.55 14.10
C TRP A 222 1.46 -10.12 14.53
N SER A 223 1.77 -9.81 15.78
CA SER A 223 1.70 -8.47 16.33
C SER A 223 2.39 -8.45 17.68
N GLU A 224 2.46 -7.30 18.33
CA GLU A 224 2.82 -7.35 19.75
C GLU A 224 1.73 -8.11 20.53
N LYS A 225 2.15 -8.68 21.66
CA LYS A 225 1.33 -9.52 22.55
C LYS A 225 -0.09 -8.94 22.76
N GLU A 226 -0.15 -7.63 23.01
CA GLU A 226 -1.42 -6.96 23.36
C GLU A 226 -2.41 -7.02 22.21
N GLN A 227 -1.96 -7.21 20.97
CA GLN A 227 -2.88 -7.19 19.82
C GLN A 227 -3.22 -8.61 19.28
N VAL A 228 -2.56 -9.64 19.81
CA VAL A 228 -2.64 -10.91 19.13
C VAL A 228 -4.05 -11.42 19.10
N GLU A 229 -4.71 -11.44 20.25
CA GLU A 229 -6.05 -12.10 20.28
C GLU A 229 -7.09 -11.40 19.36
N LYS A 230 -7.13 -10.08 19.51
CA LYS A 230 -7.96 -9.21 18.68
C LYS A 230 -7.74 -9.45 17.19
N SER A 231 -6.47 -9.55 16.81
CA SER A 231 -6.12 -9.73 15.37
C SER A 231 -6.52 -11.08 14.86
N ALA A 232 -6.34 -12.10 15.70
CA ALA A 232 -6.70 -13.45 15.27
C ALA A 232 -8.22 -13.57 14.91
N TYR A 233 -9.04 -12.96 15.75
CA TYR A 233 -10.45 -12.94 15.50
C TYR A 233 -10.76 -12.03 14.27
N GLU A 234 -10.16 -10.85 14.24
CA GLU A 234 -10.45 -9.85 13.17
C GLU A 234 -10.23 -10.38 11.75
N PHE A 235 -9.20 -11.22 11.60
CA PHE A 235 -8.76 -11.72 10.28
C PHE A 235 -9.08 -13.21 10.08
N SER A 236 -10.06 -13.72 10.81
CA SER A 236 -10.39 -15.19 10.78
C SER A 236 -10.96 -15.72 9.42
N GLU A 237 -11.48 -14.81 8.59
CA GLU A 237 -11.90 -15.15 7.24
C GLU A 237 -10.70 -15.37 6.26
N THR A 238 -9.48 -15.14 6.70
CA THR A 238 -8.31 -15.18 5.76
C THR A 238 -8.23 -16.47 4.88
N GLU A 239 -8.33 -17.65 5.49
CA GLU A 239 -8.24 -18.85 4.66
C GLU A 239 -9.40 -19.01 3.67
N SER A 240 -10.65 -18.74 4.09
CA SER A 240 -11.76 -18.84 3.16
C SER A 240 -11.52 -17.81 2.03
N MET A 241 -10.99 -16.64 2.35
CA MET A 241 -10.70 -15.72 1.24
C MET A 241 -9.54 -16.23 0.35
N LEU A 242 -8.54 -16.88 0.97
CA LEU A 242 -7.46 -17.49 0.17
C LEU A 242 -8.04 -18.51 -0.78
N LYS A 243 -8.92 -19.39 -0.30
CA LYS A 243 -9.55 -20.37 -1.18
C LYS A 243 -10.30 -19.76 -2.39
N ILE A 244 -11.08 -18.73 -2.13
CA ILE A 244 -11.85 -18.05 -3.19
C ILE A 244 -10.87 -17.38 -4.20
N ALA A 245 -9.86 -16.71 -3.69
CA ALA A 245 -8.81 -16.11 -4.55
C ALA A 245 -8.06 -17.15 -5.39
N GLU A 246 -7.83 -18.35 -4.86
CA GLU A 246 -7.23 -19.39 -5.73
C GLU A 246 -8.15 -19.84 -6.83
N ASP A 247 -9.43 -19.86 -6.52
CA ASP A 247 -10.43 -20.19 -7.50
C ASP A 247 -10.49 -19.16 -8.60
N LEU A 248 -10.31 -17.87 -8.26
CA LEU A 248 -10.34 -16.82 -9.27
C LEU A 248 -9.01 -16.68 -10.01
N GLY A 249 -7.90 -16.87 -9.35
CA GLY A 249 -6.61 -16.51 -9.95
C GLY A 249 -5.71 -17.71 -10.21
N GLY A 250 -6.09 -18.89 -9.71
CA GLY A 250 -5.24 -20.10 -9.87
C GLY A 250 -4.39 -20.31 -8.62
N PRO A 251 -3.54 -21.37 -8.60
CA PRO A 251 -2.76 -21.74 -7.41
C PRO A 251 -2.11 -20.53 -6.74
N TYR A 252 -2.22 -20.47 -5.42
CA TYR A 252 -1.41 -19.53 -4.62
C TYR A 252 0.02 -20.10 -4.63
N VAL A 253 1.04 -19.36 -5.07
CA VAL A 253 2.37 -19.99 -5.28
C VAL A 253 3.39 -19.70 -4.19
N TRP A 254 3.01 -18.94 -3.17
CA TRP A 254 3.94 -18.34 -2.22
C TRP A 254 4.18 -19.18 -0.94
N GLY A 255 3.54 -20.35 -0.85
CA GLY A 255 3.70 -21.24 0.38
C GLY A 255 2.74 -20.78 1.50
N GLN A 256 3.22 -19.86 2.32
CA GLN A 256 2.53 -19.32 3.48
CA GLN A 256 2.46 -19.35 3.44
C GLN A 256 1.79 -18.01 3.11
N TYR A 257 0.72 -17.69 3.86
CA TYR A 257 0.12 -16.36 3.85
C TYR A 257 -0.07 -15.87 5.27
N ASP A 258 0.92 -15.18 5.81
CA ASP A 258 0.92 -14.68 7.19
C ASP A 258 0.56 -13.23 7.16
N LEU A 259 0.10 -12.76 8.31
CA LEU A 259 -0.29 -11.38 8.43
C LEU A 259 0.50 -10.75 9.57
N LEU A 260 0.90 -9.50 9.41
CA LEU A 260 1.56 -8.80 10.46
C LEU A 260 0.74 -7.52 10.73
N VAL A 261 0.29 -7.36 11.97
CA VAL A 261 -0.37 -6.12 12.33
C VAL A 261 0.68 -5.11 12.86
N LEU A 262 0.89 -4.05 12.09
CA LEU A 262 1.90 -3.06 12.46
CA LEU A 262 1.87 -3.03 12.43
C LEU A 262 1.44 -2.08 13.55
N PRO A 263 2.37 -1.24 14.02
CA PRO A 263 1.96 -0.16 14.95
C PRO A 263 1.08 0.81 14.19
N PRO A 264 0.44 1.80 14.92
CA PRO A 264 -0.60 2.71 14.35
C PRO A 264 -0.08 3.62 13.31
N SER A 265 1.23 3.85 13.31
CA SER A 265 1.81 4.78 12.31
C SER A 265 1.98 4.20 10.90
N PHE A 266 1.66 2.91 10.70
CA PHE A 266 1.75 2.31 9.37
C PHE A 266 0.95 3.15 8.34
N PRO A 267 1.58 3.56 7.22
CA PRO A 267 0.92 4.62 6.42
C PRO A 267 -0.28 4.23 5.56
N TYR A 268 -0.48 2.92 5.36
CA TYR A 268 -1.48 2.42 4.44
C TYR A 268 -2.42 1.37 5.14
N GLY A 269 -3.46 0.97 4.42
CA GLY A 269 -4.38 -0.05 4.96
C GLY A 269 -3.61 -1.37 5.01
N GLY A 270 -2.84 -1.58 3.95
CA GLY A 270 -2.15 -2.88 3.78
C GLY A 270 -0.93 -2.71 2.87
N MET A 271 0.01 -3.61 2.98
CA MET A 271 1.12 -3.67 1.99
C MET A 271 1.30 -5.17 1.70
N GLU A 272 1.18 -5.55 0.42
CA GLU A 272 1.14 -6.98 0.01
C GLU A 272 2.50 -7.75 0.04
N ASN A 273 3.32 -7.56 1.03
CA ASN A 273 4.65 -8.19 1.01
C ASN A 273 4.48 -9.69 0.90
N PRO A 274 5.26 -10.32 -0.01
CA PRO A 274 4.88 -11.73 -0.24
C PRO A 274 5.19 -12.59 1.00
N CYS A 275 4.34 -13.57 1.32
CA CYS A 275 4.47 -14.43 2.56
C CYS A 275 4.03 -13.78 3.81
N LEU A 276 3.96 -12.44 3.79
CA LEU A 276 3.72 -11.68 5.01
C LEU A 276 3.10 -10.30 4.73
N THR A 277 1.79 -10.29 4.50
CA THR A 277 1.06 -9.03 4.40
C THR A 277 1.20 -8.19 5.67
N PHE A 278 1.43 -6.88 5.49
CA PHE A 278 1.45 -5.95 6.60
C PHE A 278 0.04 -5.26 6.58
N VAL A 279 -0.62 -5.10 7.74
CA VAL A 279 -1.84 -4.32 7.81
C VAL A 279 -1.85 -3.25 8.92
N THR A 280 -2.66 -2.21 8.75
CA THR A 280 -2.84 -1.18 9.82
C THR A 280 -3.62 -1.76 11.00
N PRO A 281 -3.27 -1.37 12.25
CA PRO A 281 -4.09 -1.78 13.40
C PRO A 281 -5.52 -1.11 13.34
N THR A 282 -5.71 -0.10 12.48
CA THR A 282 -7.05 0.50 12.32
C THR A 282 -8.04 -0.44 11.67
N LEU A 283 -7.63 -1.65 11.22
CA LEU A 283 -8.57 -2.68 10.81
C LEU A 283 -9.29 -3.32 11.99
N LEU A 284 -8.77 -3.16 13.22
CA LEU A 284 -9.25 -3.95 14.36
C LEU A 284 -10.56 -3.34 14.92
N ALA A 285 -11.59 -3.40 14.10
CA ALA A 285 -12.90 -2.87 14.49
C ALA A 285 -13.66 -3.78 15.49
N GLY A 286 -13.21 -4.99 15.74
CA GLY A 286 -13.97 -5.93 16.59
C GLY A 286 -15.02 -6.79 15.89
N ASP A 287 -15.35 -6.55 14.63
CA ASP A 287 -16.43 -7.35 13.95
C ASP A 287 -16.09 -7.84 12.54
N LYS A 288 -14.79 -7.78 12.15
CA LYS A 288 -14.37 -8.27 10.80
CA LYS A 288 -14.31 -8.22 10.82
C LYS A 288 -14.89 -7.38 9.66
N SER A 289 -15.49 -6.24 9.98
CA SER A 289 -16.17 -5.45 9.02
C SER A 289 -15.22 -4.73 8.03
N LEU A 290 -13.93 -4.68 8.33
CA LEU A 290 -12.98 -4.03 7.43
C LEU A 290 -12.16 -5.07 6.69
N SER A 291 -12.66 -6.31 6.61
CA SER A 291 -11.87 -7.38 6.05
C SER A 291 -11.66 -7.35 4.52
N ASN A 292 -12.36 -6.44 3.83
CA ASN A 292 -12.05 -6.24 2.43
C ASN A 292 -10.58 -5.85 2.21
N VAL A 293 -9.96 -5.28 3.22
CA VAL A 293 -8.52 -4.95 3.07
C VAL A 293 -7.70 -6.23 3.10
N ILE A 294 -8.13 -7.26 3.82
CA ILE A 294 -7.44 -8.57 3.68
C ILE A 294 -7.73 -9.20 2.30
N ALA A 295 -8.96 -9.11 1.78
CA ALA A 295 -9.24 -9.65 0.44
C ALA A 295 -8.34 -8.98 -0.59
N HIS A 296 -8.17 -7.68 -0.50
CA HIS A 296 -7.31 -6.92 -1.39
C HIS A 296 -5.85 -7.38 -1.25
N GLU A 297 -5.31 -7.48 -0.03
CA GLU A 297 -3.92 -7.89 0.14
C GLU A 297 -3.67 -9.29 -0.40
N ILE A 298 -4.63 -10.19 -0.20
CA ILE A 298 -4.57 -11.55 -0.75
C ILE A 298 -4.53 -11.55 -2.30
N SER A 299 -5.42 -10.78 -2.91
CA SER A 299 -5.53 -10.71 -4.38
C SER A 299 -4.22 -10.27 -5.03
N HIS A 300 -3.45 -9.38 -4.34
CA HIS A 300 -2.13 -8.93 -4.82
C HIS A 300 -1.14 -10.10 -4.97
N SER A 301 -1.43 -11.23 -4.32
CA SER A 301 -0.59 -12.45 -4.48
C SER A 301 -0.61 -12.91 -5.95
N TRP A 302 -1.63 -12.45 -6.67
CA TRP A 302 -1.72 -12.68 -8.11
C TRP A 302 -1.43 -11.34 -8.80
N THR A 303 -2.26 -10.35 -8.59
CA THR A 303 -2.21 -9.14 -9.44
C THR A 303 -1.40 -8.10 -8.74
N GLY A 304 -0.15 -7.97 -9.18
CA GLY A 304 0.82 -7.14 -8.53
C GLY A 304 2.04 -8.03 -8.29
N ASN A 305 1.87 -9.14 -7.55
CA ASN A 305 3.07 -9.89 -7.12
C ASN A 305 3.50 -10.98 -8.12
N LEU A 306 2.56 -11.54 -8.85
CA LEU A 306 2.90 -12.42 -9.98
C LEU A 306 2.99 -11.60 -11.26
N VAL A 307 1.94 -10.84 -11.57
CA VAL A 307 1.96 -9.93 -12.71
CA VAL A 307 1.90 -9.92 -12.71
C VAL A 307 2.12 -8.54 -12.14
N THR A 308 3.22 -7.89 -12.55
CA THR A 308 3.68 -6.70 -11.91
C THR A 308 3.71 -5.52 -12.89
N ASN A 309 3.46 -4.29 -12.40
CA ASN A 309 3.65 -3.10 -13.27
C ASN A 309 5.11 -2.93 -13.63
N LYS A 310 5.35 -2.66 -14.91
CA LYS A 310 6.71 -2.54 -15.43
C LYS A 310 7.35 -1.29 -14.96
N THR A 311 6.57 -0.21 -14.90
CA THR A 311 7.06 1.01 -14.20
C THR A 311 5.87 1.54 -13.36
N TRP A 312 6.09 2.51 -12.50
CA TRP A 312 5.04 3.10 -11.68
C TRP A 312 4.00 3.92 -12.44
N ASP A 313 4.33 4.28 -13.67
CA ASP A 313 3.37 4.90 -14.58
C ASP A 313 2.16 3.99 -14.76
N HIS A 314 2.33 2.66 -14.63
CA HIS A 314 1.28 1.63 -14.91
C HIS A 314 0.76 0.94 -13.64
N PHE A 315 0.93 1.62 -12.51
CA PHE A 315 0.44 1.19 -11.21
C PHE A 315 -1.04 0.79 -11.22
N TRP A 316 -1.88 1.45 -12.00
CA TRP A 316 -3.28 1.01 -12.08
C TRP A 316 -3.42 -0.46 -12.37
N LEU A 317 -2.48 -1.02 -13.11
CA LEU A 317 -2.54 -2.44 -13.42
C LEU A 317 -2.52 -3.24 -12.16
N ASN A 318 -1.57 -2.92 -11.30
CA ASN A 318 -1.49 -3.55 -9.95
C ASN A 318 -2.76 -3.32 -9.17
N GLU A 319 -3.18 -2.06 -9.05
CA GLU A 319 -4.24 -1.77 -8.07
C GLU A 319 -5.64 -1.99 -8.58
N GLY A 320 -5.88 -1.56 -9.83
CA GLY A 320 -7.23 -1.78 -10.41
C GLY A 320 -7.63 -3.26 -10.51
N HIS A 321 -6.73 -4.15 -10.96
CA HIS A 321 -7.07 -5.59 -11.01
C HIS A 321 -7.28 -6.19 -9.60
N THR A 322 -6.50 -5.68 -8.64
CA THR A 322 -6.54 -6.18 -7.24
C THR A 322 -7.86 -5.77 -6.59
N VAL A 323 -8.30 -4.53 -6.85
CA VAL A 323 -9.61 -4.05 -6.34
C VAL A 323 -10.75 -4.89 -6.99
N TYR A 324 -10.54 -5.20 -8.29
CA TYR A 324 -11.50 -6.00 -9.07
C TYR A 324 -11.67 -7.42 -8.47
N LEU A 325 -10.57 -8.07 -8.10
CA LEU A 325 -10.63 -9.41 -7.43
C LEU A 325 -11.10 -9.30 -5.95
N GLU A 326 -10.60 -8.28 -5.23
CA GLU A 326 -11.04 -7.97 -3.90
C GLU A 326 -12.56 -7.93 -3.84
N ARG A 327 -13.20 -7.24 -4.79
CA ARG A 327 -14.62 -7.06 -4.73
C ARG A 327 -15.38 -8.32 -5.14
N HIS A 328 -14.84 -9.12 -6.09
CA HIS A 328 -15.29 -10.51 -6.29
C HIS A 328 -15.17 -11.46 -5.05
N ILE A 329 -14.10 -11.37 -4.27
CA ILE A 329 -13.96 -12.19 -3.07
C ILE A 329 -15.10 -11.83 -2.09
N CYS A 330 -15.25 -10.55 -1.83
CA CYS A 330 -16.28 -10.06 -0.93
C CYS A 330 -17.69 -10.41 -1.43
N GLY A 331 -17.84 -10.45 -2.74
CA GLY A 331 -19.14 -10.77 -3.35
C GLY A 331 -19.44 -12.25 -3.28
N ARG A 332 -18.45 -13.12 -3.47
CA ARG A 332 -18.70 -14.57 -3.29
CA ARG A 332 -18.64 -14.57 -3.29
C ARG A 332 -19.03 -14.81 -1.81
N LEU A 333 -18.37 -14.10 -0.92
CA LEU A 333 -18.64 -14.27 0.51
C LEU A 333 -19.98 -13.71 0.91
N PHE A 334 -20.33 -12.51 0.43
CA PHE A 334 -21.51 -11.78 0.90
C PHE A 334 -22.64 -11.50 -0.08
N GLY A 335 -22.44 -11.81 -1.37
CA GLY A 335 -23.48 -11.72 -2.34
C GLY A 335 -23.15 -10.70 -3.35
N GLU A 336 -23.74 -10.88 -4.52
CA GLU A 336 -23.57 -9.97 -5.64
C GLU A 336 -24.07 -8.55 -5.35
N LYS A 337 -25.17 -8.45 -4.61
CA LYS A 337 -25.66 -7.13 -4.25
C LYS A 337 -24.64 -6.30 -3.44
N PHE A 338 -23.85 -6.97 -2.59
CA PHE A 338 -22.83 -6.38 -1.78
C PHE A 338 -21.63 -5.95 -2.65
N ARG A 339 -21.24 -6.77 -3.63
CA ARG A 339 -20.23 -6.38 -4.60
C ARG A 339 -20.63 -5.12 -5.32
N HIS A 340 -21.85 -5.07 -5.85
CA HIS A 340 -22.36 -3.81 -6.42
C HIS A 340 -22.31 -2.61 -5.45
N PHE A 341 -22.66 -2.83 -4.18
CA PHE A 341 -22.66 -1.81 -3.13
C PHE A 341 -21.25 -1.22 -3.02
N ASN A 342 -20.28 -2.09 -3.00
CA ASN A 342 -18.88 -1.67 -2.85
C ASN A 342 -18.34 -1.01 -4.09
N ALA A 343 -18.74 -1.54 -5.23
CA ALA A 343 -18.35 -0.93 -6.50
C ALA A 343 -18.88 0.52 -6.60
N LEU A 344 -20.16 0.72 -6.28
CA LEU A 344 -20.80 2.06 -6.35
C LEU A 344 -20.14 2.96 -5.34
N GLY A 345 -19.83 2.47 -4.14
CA GLY A 345 -18.98 3.18 -3.20
C GLY A 345 -17.66 3.65 -3.81
N GLY A 346 -16.95 2.69 -4.44
CA GLY A 346 -15.72 2.99 -5.16
C GLY A 346 -15.83 4.15 -6.16
N TRP A 347 -16.92 4.20 -6.90
CA TRP A 347 -17.19 5.32 -7.80
C TRP A 347 -17.22 6.69 -7.07
N GLY A 348 -17.90 6.74 -5.92
CA GLY A 348 -18.02 7.96 -5.13
C GLY A 348 -16.66 8.36 -4.61
N GLU A 349 -15.83 7.38 -4.21
CA GLU A 349 -14.42 7.66 -3.89
C GLU A 349 -13.67 8.33 -5.09
N LEU A 350 -13.79 7.74 -6.27
CA LEU A 350 -13.28 8.33 -7.49
C LEU A 350 -13.83 9.79 -7.67
N GLN A 351 -15.12 10.01 -7.39
CA GLN A 351 -15.69 11.34 -7.56
C GLN A 351 -14.95 12.27 -6.59
N ASN A 352 -14.80 11.80 -5.34
CA ASN A 352 -14.03 12.52 -4.32
C ASN A 352 -12.65 12.94 -4.70
N SER A 353 -11.81 12.04 -5.18
CA SER A 353 -10.44 12.45 -5.54
CA SER A 353 -10.42 12.36 -5.62
C SER A 353 -10.40 13.36 -6.78
N VAL A 354 -11.28 13.15 -7.76
CA VAL A 354 -11.33 14.02 -8.93
C VAL A 354 -11.67 15.48 -8.54
N LYS A 355 -12.72 15.62 -7.71
CA LYS A 355 -13.08 16.88 -7.10
C LYS A 355 -11.93 17.49 -6.26
N THR A 356 -11.24 16.71 -5.41
CA THR A 356 -10.11 17.24 -4.63
CA THR A 356 -10.13 17.28 -4.65
C THR A 356 -8.91 17.63 -5.52
N PHE A 357 -8.58 16.81 -6.54
CA PHE A 357 -7.47 17.21 -7.43
C PHE A 357 -7.84 18.28 -8.47
N GLY A 358 -9.10 18.37 -8.86
CA GLY A 358 -9.47 19.09 -10.06
C GLY A 358 -9.56 18.16 -11.28
N GLU A 359 -10.53 18.41 -12.13
CA GLU A 359 -10.88 17.48 -13.19
C GLU A 359 -9.92 17.49 -14.36
N THR A 360 -9.02 18.47 -14.41
CA THR A 360 -7.93 18.42 -15.36
C THR A 360 -6.56 17.99 -14.77
N HIS A 361 -6.47 17.66 -13.46
CA HIS A 361 -5.16 17.38 -12.88
C HIS A 361 -4.57 16.12 -13.49
N PRO A 362 -3.28 16.10 -13.87
CA PRO A 362 -2.64 14.88 -14.43
C PRO A 362 -2.73 13.61 -13.56
N PHE A 363 -2.77 13.81 -12.24
CA PHE A 363 -2.88 12.67 -11.32
C PHE A 363 -4.27 11.99 -11.33
N THR A 364 -5.23 12.53 -12.10
CA THR A 364 -6.52 11.83 -12.29
C THR A 364 -6.53 11.01 -13.58
N LYS A 365 -5.41 11.04 -14.29
CA LYS A 365 -5.23 10.18 -15.38
C LYS A 365 -4.97 8.77 -14.80
N LEU A 366 -5.44 7.74 -15.53
CA LEU A 366 -5.25 6.32 -15.19
C LEU A 366 -3.78 5.96 -15.29
N VAL A 367 -3.23 6.21 -16.47
CA VAL A 367 -1.80 6.08 -16.70
C VAL A 367 -1.15 7.44 -16.50
N VAL A 368 -0.20 7.51 -15.56
CA VAL A 368 0.44 8.78 -15.22
CA VAL A 368 0.43 8.77 -15.17
C VAL A 368 1.88 8.83 -15.67
N ASP A 369 2.35 10.00 -16.05
CA ASP A 369 3.76 10.18 -16.46
C ASP A 369 4.50 10.67 -15.23
N LEU A 370 5.33 9.81 -14.63
CA LEU A 370 5.91 10.19 -13.37
C LEU A 370 7.29 10.81 -13.53
N THR A 371 7.64 11.21 -14.76
CA THR A 371 8.91 11.98 -14.97
C THR A 371 8.94 13.12 -14.01
N ASP A 372 10.01 13.19 -13.23
CA ASP A 372 10.14 14.30 -12.25
C ASP A 372 9.03 14.42 -11.16
N ILE A 373 8.19 13.39 -11.03
CA ILE A 373 7.18 13.34 -9.98
C ILE A 373 7.54 12.25 -8.91
N ASP A 374 7.55 12.63 -7.63
CA ASP A 374 7.75 11.66 -6.52
C ASP A 374 6.47 10.77 -6.43
N PRO A 375 6.59 9.43 -6.70
CA PRO A 375 5.38 8.56 -6.64
C PRO A 375 4.58 8.71 -5.32
N ASP A 376 5.24 9.13 -4.22
CA ASP A 376 4.52 9.30 -2.91
C ASP A 376 3.57 10.48 -2.98
N VAL A 377 3.93 11.50 -3.79
CA VAL A 377 3.07 12.70 -3.98
C VAL A 377 1.92 12.42 -4.98
N ALA A 378 2.22 11.60 -5.99
CA ALA A 378 1.21 11.17 -6.94
C ALA A 378 0.19 10.15 -6.36
N TYR A 379 0.52 9.47 -5.27
CA TYR A 379 -0.31 8.37 -4.78
C TYR A 379 -1.75 8.89 -4.39
N SER A 380 -2.79 8.20 -4.88
CA SER A 380 -4.17 8.45 -4.50
C SER A 380 -5.07 7.23 -4.85
N SER A 381 -6.36 7.38 -4.62
CA SER A 381 -7.35 6.34 -4.92
CA SER A 381 -7.32 6.30 -4.93
C SER A 381 -7.64 6.24 -6.40
N VAL A 382 -7.09 7.15 -7.19
CA VAL A 382 -7.44 7.13 -8.60
C VAL A 382 -7.10 5.83 -9.33
N PRO A 383 -5.87 5.34 -9.18
CA PRO A 383 -5.56 4.11 -9.91
C PRO A 383 -6.38 2.92 -9.45
N TYR A 384 -6.76 2.93 -8.16
CA TYR A 384 -7.65 1.88 -7.57
C TYR A 384 -9.02 1.92 -8.19
N GLU A 385 -9.62 3.12 -8.18
CA GLU A 385 -11.01 3.23 -8.52
C GLU A 385 -11.25 3.54 -9.94
N LYS A 386 -10.39 4.34 -10.55
CA LYS A 386 -10.59 4.50 -12.02
C LYS A 386 -10.19 3.20 -12.66
N GLY A 387 -9.15 2.56 -12.12
CA GLY A 387 -8.78 1.25 -12.67
C GLY A 387 -9.92 0.20 -12.52
N PHE A 388 -10.54 0.15 -11.33
CA PHE A 388 -11.63 -0.76 -11.07
C PHE A 388 -12.81 -0.44 -11.99
N ALA A 389 -13.17 0.85 -12.04
CA ALA A 389 -14.24 1.33 -12.93
C ALA A 389 -14.04 0.88 -14.37
N LEU A 390 -12.84 1.01 -14.93
CA LEU A 390 -12.56 0.47 -16.27
C LEU A 390 -12.84 -1.06 -16.43
N LEU A 391 -12.33 -1.86 -15.50
CA LEU A 391 -12.54 -3.28 -15.54
C LEU A 391 -14.02 -3.63 -15.38
N PHE A 392 -14.73 -2.92 -14.47
CA PHE A 392 -16.13 -3.21 -14.21
C PHE A 392 -16.97 -2.88 -15.49
N TYR A 393 -16.61 -1.80 -16.16
CA TYR A 393 -17.25 -1.40 -17.44
C TYR A 393 -17.03 -2.45 -18.54
N LEU A 394 -15.78 -2.90 -18.72
CA LEU A 394 -15.50 -3.97 -19.66
C LEU A 394 -16.25 -5.22 -19.32
N GLU A 395 -16.30 -5.57 -18.04
CA GLU A 395 -17.07 -6.74 -17.60
C GLU A 395 -18.49 -6.67 -18.06
N GLN A 396 -19.09 -5.49 -17.90
CA GLN A 396 -20.49 -5.36 -18.29
C GLN A 396 -20.60 -5.38 -19.83
N LEU A 397 -19.62 -4.82 -20.53
CA LEU A 397 -19.59 -4.74 -22.00
C LEU A 397 -19.42 -6.10 -22.62
N LEU A 398 -18.65 -6.96 -21.95
CA LEU A 398 -18.15 -8.18 -22.58
C LEU A 398 -18.96 -9.40 -22.19
N GLY A 399 -19.97 -9.21 -21.36
CA GLY A 399 -21.02 -10.24 -21.10
C GLY A 399 -21.06 -10.80 -19.63
N GLY A 400 -20.42 -10.09 -18.71
CA GLY A 400 -20.73 -10.29 -17.32
C GLY A 400 -19.58 -10.85 -16.53
N PRO A 401 -19.78 -11.00 -15.20
CA PRO A 401 -18.64 -11.40 -14.35
C PRO A 401 -18.01 -12.75 -14.68
N GLU A 402 -18.80 -13.79 -15.01
CA GLU A 402 -18.22 -15.12 -15.28
CA GLU A 402 -18.27 -15.12 -15.32
C GLU A 402 -17.26 -15.07 -16.48
N ILE A 403 -17.67 -14.42 -17.53
CA ILE A 403 -16.81 -14.19 -18.69
C ILE A 403 -15.57 -13.34 -18.36
N PHE A 404 -15.74 -12.26 -17.61
CA PHE A 404 -14.59 -11.41 -17.42
C PHE A 404 -13.55 -12.01 -16.43
N LEU A 405 -14.07 -12.79 -15.48
CA LEU A 405 -13.25 -13.63 -14.63
C LEU A 405 -12.38 -14.66 -15.40
N GLY A 406 -12.82 -15.18 -16.56
CA GLY A 406 -11.97 -16.11 -17.32
C GLY A 406 -10.85 -15.30 -17.92
N PHE A 407 -11.12 -14.05 -18.26
CA PHE A 407 -10.06 -13.23 -18.77
C PHE A 407 -9.00 -12.93 -17.70
N LEU A 408 -9.43 -12.50 -16.49
CA LEU A 408 -8.55 -12.30 -15.38
C LEU A 408 -7.63 -13.51 -15.11
N LYS A 409 -8.18 -14.70 -15.06
CA LYS A 409 -7.34 -15.84 -14.77
C LYS A 409 -6.37 -16.13 -15.93
N ALA A 410 -6.81 -15.92 -17.16
CA ALA A 410 -5.91 -16.15 -18.31
C ALA A 410 -4.79 -15.09 -18.31
N TYR A 411 -5.17 -13.86 -18.00
CA TYR A 411 -4.24 -12.75 -17.93
C TYR A 411 -3.16 -13.01 -16.87
N VAL A 412 -3.62 -13.48 -15.72
CA VAL A 412 -2.65 -13.85 -14.66
C VAL A 412 -1.71 -14.97 -15.12
N GLU A 413 -2.28 -15.99 -15.79
CA GLU A 413 -1.40 -17.09 -16.22
CA GLU A 413 -1.49 -17.13 -16.30
C GLU A 413 -0.45 -16.61 -17.31
N LYS A 414 -0.93 -15.88 -18.30
CA LYS A 414 -0.07 -15.26 -19.36
C LYS A 414 1.16 -14.50 -18.80
N PHE A 415 0.91 -13.63 -17.81
CA PHE A 415 1.96 -12.76 -17.40
C PHE A 415 2.59 -13.07 -16.05
N SER A 416 2.35 -14.26 -15.52
CA SER A 416 3.05 -14.68 -14.30
C SER A 416 4.56 -14.54 -14.32
N TYR A 417 5.12 -13.99 -13.24
CA TYR A 417 6.53 -13.74 -13.11
C TYR A 417 7.07 -12.71 -14.05
N LYS A 418 6.19 -11.96 -14.71
CA LYS A 418 6.63 -10.87 -15.62
CA LYS A 418 6.60 -10.89 -15.66
C LYS A 418 6.22 -9.49 -15.16
N SER A 419 6.81 -8.47 -15.77
CA SER A 419 6.49 -7.07 -15.50
C SER A 419 5.98 -6.47 -16.82
N ILE A 420 4.82 -5.80 -16.81
CA ILE A 420 4.13 -5.50 -18.05
C ILE A 420 3.62 -4.06 -18.06
N THR A 421 3.33 -3.54 -19.29
CA THR A 421 2.73 -2.22 -19.41
C THR A 421 1.24 -2.25 -19.70
N THR A 422 0.64 -1.05 -19.69
CA THR A 422 -0.75 -0.87 -20.11
C THR A 422 -0.98 -1.43 -21.51
N ASP A 423 -0.04 -1.18 -22.42
CA ASP A 423 -0.17 -1.78 -23.79
C ASP A 423 -0.12 -3.26 -23.83
N ASP A 424 0.72 -3.88 -22.99
CA ASP A 424 0.75 -5.36 -22.86
C ASP A 424 -0.61 -5.85 -22.41
N TRP A 425 -1.15 -5.20 -21.38
CA TRP A 425 -2.48 -5.60 -20.91
C TRP A 425 -3.54 -5.49 -21.98
N LYS A 426 -3.56 -4.37 -22.70
CA LYS A 426 -4.56 -4.10 -23.76
C LYS A 426 -4.46 -5.10 -24.94
N ASP A 427 -3.26 -5.32 -25.42
CA ASP A 427 -2.98 -6.35 -26.43
C ASP A 427 -3.58 -7.72 -26.03
N PHE A 428 -3.23 -8.21 -24.83
CA PHE A 428 -3.79 -9.45 -24.38
C PHE A 428 -5.33 -9.42 -24.28
N LEU A 429 -5.90 -8.32 -23.79
CA LEU A 429 -7.37 -8.17 -23.76
C LEU A 429 -7.96 -8.34 -25.18
N TYR A 430 -7.37 -7.65 -26.15
CA TYR A 430 -7.82 -7.76 -27.56
C TYR A 430 -7.66 -9.19 -28.11
N SER A 431 -6.61 -9.88 -27.64
CA SER A 431 -6.32 -11.20 -28.13
C SER A 431 -7.27 -12.15 -27.42
N TYR A 432 -7.37 -12.04 -26.08
CA TYR A 432 -8.34 -12.87 -25.37
C TYR A 432 -9.76 -12.74 -25.89
N PHE A 433 -10.23 -11.52 -26.10
CA PHE A 433 -11.57 -11.31 -26.61
C PHE A 433 -11.62 -11.08 -28.11
N LYS A 434 -10.83 -11.82 -28.89
CA LYS A 434 -10.83 -11.58 -30.34
C LYS A 434 -12.25 -11.60 -30.99
N ASP A 435 -13.10 -12.54 -30.53
CA ASP A 435 -14.47 -12.65 -30.98
C ASP A 435 -15.34 -11.48 -30.59
N LYS A 436 -14.84 -10.59 -29.76
CA LYS A 436 -15.60 -9.37 -29.33
C LYS A 436 -14.84 -8.05 -29.64
N VAL A 437 -13.99 -8.04 -30.68
CA VAL A 437 -13.19 -6.83 -30.98
C VAL A 437 -14.06 -5.62 -31.27
N ASP A 438 -15.17 -5.91 -31.94
CA ASP A 438 -16.14 -4.87 -32.29
CA ASP A 438 -16.22 -4.94 -32.29
C ASP A 438 -16.65 -4.19 -31.01
N VAL A 439 -16.93 -4.95 -29.95
CA VAL A 439 -17.36 -4.38 -28.68
C VAL A 439 -16.20 -3.59 -28.12
N LEU A 440 -14.99 -4.19 -28.08
CA LEU A 440 -13.80 -3.54 -27.54
C LEU A 440 -13.54 -2.23 -28.28
N ASN A 441 -13.89 -2.20 -29.55
CA ASN A 441 -13.63 -0.96 -30.30
C ASN A 441 -14.60 0.19 -29.98
N GLN A 442 -15.65 -0.04 -29.19
CA GLN A 442 -16.52 1.06 -28.76
C GLN A 442 -15.92 1.78 -27.56
N VAL A 443 -14.87 1.18 -26.95
CA VAL A 443 -14.24 1.79 -25.80
C VAL A 443 -13.47 3.03 -26.24
N ASP A 444 -13.66 4.11 -25.50
CA ASP A 444 -12.89 5.30 -25.70
C ASP A 444 -11.55 5.17 -24.93
N TRP A 445 -10.57 4.49 -25.57
CA TRP A 445 -9.32 4.09 -24.93
C TRP A 445 -8.57 5.30 -24.52
N ASN A 446 -8.49 6.30 -25.41
CA ASN A 446 -7.74 7.51 -25.13
CA ASN A 446 -7.72 7.49 -25.11
C ASN A 446 -8.28 8.21 -23.91
N ALA A 447 -9.62 8.24 -23.79
CA ALA A 447 -10.23 8.89 -22.66
C ALA A 447 -9.96 8.09 -21.35
N TRP A 448 -10.19 6.80 -21.38
CA TRP A 448 -10.09 5.95 -20.18
C TRP A 448 -8.67 5.89 -19.63
N LEU A 449 -7.67 5.74 -20.51
CA LEU A 449 -6.30 5.47 -20.10
C LEU A 449 -5.54 6.76 -19.85
N TYR A 450 -5.85 7.79 -20.65
CA TYR A 450 -4.92 8.95 -20.69
C TYR A 450 -5.49 10.34 -20.44
N SER A 451 -6.78 10.48 -20.24
CA SER A 451 -7.43 11.78 -19.98
C SER A 451 -7.73 12.00 -18.48
N PRO A 452 -7.57 13.25 -18.01
CA PRO A 452 -7.93 13.49 -16.64
C PRO A 452 -9.48 13.42 -16.39
N GLY A 453 -9.83 13.37 -15.12
CA GLY A 453 -11.22 13.56 -14.71
C GLY A 453 -11.99 12.27 -14.64
N LEU A 454 -13.31 12.39 -14.53
CA LEU A 454 -14.16 11.22 -14.36
C LEU A 454 -14.15 10.44 -15.72
N PRO A 455 -14.23 9.10 -15.69
CA PRO A 455 -14.14 8.33 -16.93
C PRO A 455 -15.23 8.82 -17.87
N PRO A 456 -15.16 8.46 -19.19
CA PRO A 456 -16.18 9.03 -20.05
C PRO A 456 -17.49 8.24 -19.97
N ILE A 457 -17.52 7.10 -19.28
CA ILE A 457 -18.78 6.44 -19.08
C ILE A 457 -18.84 5.87 -17.68
N LYS A 458 -20.05 5.83 -17.12
CA LYS A 458 -20.20 5.30 -15.77
C LYS A 458 -20.86 3.94 -15.85
N PRO A 459 -20.26 2.94 -15.22
CA PRO A 459 -20.94 1.62 -15.26
C PRO A 459 -22.41 1.54 -14.70
N ASN A 460 -22.99 0.37 -14.77
CA ASN A 460 -24.32 0.13 -14.15
C ASN A 460 -24.17 -0.52 -12.82
N TYR A 461 -24.87 0.00 -11.82
CA TYR A 461 -24.72 -0.51 -10.43
C TYR A 461 -26.07 -0.89 -9.87
N ASP A 462 -26.19 -2.08 -9.32
CA ASP A 462 -27.30 -2.39 -8.50
C ASP A 462 -27.39 -1.37 -7.35
N MET A 463 -28.60 -0.96 -6.98
CA MET A 463 -28.80 0.05 -5.97
C MET A 463 -29.38 -0.55 -4.69
N THR A 464 -29.68 -1.85 -4.65
CA THR A 464 -30.41 -2.41 -3.51
C THR A 464 -29.91 -1.96 -2.16
N LEU A 465 -28.61 -2.10 -1.88
CA LEU A 465 -28.11 -1.76 -0.51
C LEU A 465 -27.77 -0.28 -0.30
N THR A 466 -27.71 0.45 -1.38
CA THR A 466 -27.28 1.83 -1.35
C THR A 466 -28.50 2.75 -1.09
N ASN A 467 -29.69 2.32 -1.54
CA ASN A 467 -30.85 3.25 -1.51
C ASN A 467 -31.17 3.77 -0.12
N ALA A 468 -31.13 2.90 0.90
CA ALA A 468 -31.42 3.32 2.29
C ALA A 468 -30.40 4.36 2.84
N CYS A 469 -29.14 4.24 2.40
CA CYS A 469 -28.11 5.22 2.69
C CYS A 469 -28.40 6.56 2.07
N ILE A 470 -28.70 6.57 0.77
CA ILE A 470 -29.12 7.78 0.07
C ILE A 470 -30.39 8.38 0.71
N ALA A 471 -31.34 7.51 1.09
CA ALA A 471 -32.61 8.01 1.57
C ALA A 471 -32.45 8.74 2.89
N LEU A 472 -31.69 8.16 3.80
CA LEU A 472 -31.41 8.83 5.09
C LEU A 472 -30.54 10.08 4.97
N SER A 473 -29.54 10.04 4.07
CA SER A 473 -28.67 11.18 3.90
C SER A 473 -29.50 12.39 3.34
N GLN A 474 -30.36 12.09 2.38
CA GLN A 474 -31.26 13.12 1.78
C GLN A 474 -32.27 13.69 2.80
N ARG A 475 -32.78 12.87 3.73
CA ARG A 475 -33.65 13.34 4.83
C ARG A 475 -32.92 14.37 5.68
N TRP A 476 -31.68 14.08 6.03
CA TRP A 476 -30.89 14.99 6.82
C TRP A 476 -30.55 16.28 6.05
N ILE A 477 -30.16 16.15 4.79
CA ILE A 477 -29.79 17.33 3.99
C ILE A 477 -30.95 18.32 3.80
N THR A 478 -32.14 17.80 3.47
CA THR A 478 -33.32 18.59 3.26
C THR A 478 -34.08 18.95 4.52
N ALA A 479 -33.65 18.44 5.66
CA ALA A 479 -34.34 18.72 6.91
C ALA A 479 -34.14 20.18 7.31
N LYS A 480 -35.19 20.79 7.85
CA LYS A 480 -35.05 22.12 8.45
C LYS A 480 -35.10 21.93 9.96
N GLU A 481 -34.97 23.03 10.69
CA GLU A 481 -34.88 22.92 12.13
C GLU A 481 -36.11 22.20 12.71
N ASP A 482 -37.30 22.54 12.24
CA ASP A 482 -38.53 21.93 12.79
C ASP A 482 -38.69 20.40 12.49
N ASP A 483 -37.71 19.85 11.74
CA ASP A 483 -37.68 18.40 11.32
C ASP A 483 -36.66 17.58 12.15
N LEU A 484 -35.75 18.24 12.84
CA LEU A 484 -34.71 17.54 13.59
C LEU A 484 -35.27 16.55 14.65
N ASN A 485 -36.44 16.88 15.21
CA ASN A 485 -37.10 16.10 16.30
C ASN A 485 -37.57 14.78 15.76
N SER A 486 -37.89 14.72 14.47
CA SER A 486 -38.21 13.43 13.88
C SER A 486 -37.08 12.42 13.76
N PHE A 487 -35.78 12.79 13.91
CA PHE A 487 -34.76 11.74 13.73
C PHE A 487 -34.62 10.95 15.05
N ASN A 488 -34.28 9.68 14.96
CA ASN A 488 -34.26 8.79 16.14
CA ASN A 488 -34.35 8.68 16.08
C ASN A 488 -33.26 7.66 15.92
N ALA A 489 -32.68 7.18 17.03
CA ALA A 489 -31.78 6.04 17.00
C ALA A 489 -32.43 4.92 16.16
N THR A 490 -33.74 4.84 16.10
CA THR A 490 -34.34 3.80 15.20
C THR A 490 -34.13 3.97 13.69
N ASP A 491 -33.74 5.16 13.24
CA ASP A 491 -33.36 5.34 11.82
C ASP A 491 -32.27 4.36 11.34
N LEU A 492 -31.39 3.97 12.26
CA LEU A 492 -30.23 3.12 11.97
C LEU A 492 -30.49 1.60 12.08
N LYS A 493 -31.70 1.15 12.51
CA LYS A 493 -31.84 -0.26 13.00
C LYS A 493 -31.63 -1.25 11.90
N ASP A 494 -31.96 -0.92 10.67
CA ASP A 494 -31.71 -1.85 9.61
C ASP A 494 -30.46 -1.55 8.69
N LEU A 495 -29.47 -0.82 9.20
CA LEU A 495 -28.29 -0.50 8.40
C LEU A 495 -27.12 -1.29 8.94
N SER A 496 -26.34 -1.90 8.06
CA SER A 496 -25.13 -2.56 8.49
C SER A 496 -24.09 -1.46 8.78
N SER A 497 -22.97 -1.82 9.39
CA SER A 497 -21.87 -0.90 9.57
C SER A 497 -21.42 -0.27 8.24
N HIS A 498 -21.40 -1.09 7.17
CA HIS A 498 -21.06 -0.60 5.83
C HIS A 498 -22.08 0.44 5.39
N GLN A 499 -23.35 0.21 5.68
CA GLN A 499 -24.39 1.20 5.29
C GLN A 499 -24.32 2.52 6.10
N LEU A 500 -23.94 2.44 7.38
CA LEU A 500 -23.75 3.60 8.21
C LEU A 500 -22.61 4.40 7.66
N ASN A 501 -21.51 3.72 7.30
CA ASN A 501 -20.38 4.34 6.64
C ASN A 501 -20.77 5.07 5.37
N GLU A 502 -21.54 4.39 4.52
CA GLU A 502 -21.96 4.96 3.27
C GLU A 502 -23.03 6.08 3.43
N PHE A 503 -23.93 5.97 4.42
CA PHE A 503 -24.76 7.17 4.82
C PHE A 503 -23.85 8.37 5.12
N LEU A 504 -22.82 8.17 5.93
CA LEU A 504 -21.90 9.30 6.30
C LEU A 504 -21.14 9.75 5.06
N ALA A 505 -20.70 8.81 4.15
CA ALA A 505 -19.99 9.27 2.89
C ALA A 505 -20.89 10.16 2.00
N GLN A 506 -22.15 9.74 1.83
CA GLN A 506 -23.13 10.57 1.05
C GLN A 506 -23.25 11.94 1.74
N THR A 507 -23.29 11.97 3.07
CA THR A 507 -23.62 13.20 3.76
C THR A 507 -22.40 14.12 3.71
N LEU A 508 -21.24 13.53 3.88
CA LEU A 508 -19.97 14.18 3.70
C LEU A 508 -19.83 14.78 2.32
N GLN A 509 -20.32 14.14 1.28
CA GLN A 509 -20.22 14.77 0.00
C GLN A 509 -21.03 16.09 -0.14
N ARG A 510 -21.98 16.36 0.77
CA ARG A 510 -22.70 17.69 0.74
C ARG A 510 -22.36 18.58 1.96
N ALA A 511 -21.25 18.24 2.63
CA ALA A 511 -20.82 19.02 3.79
C ALA A 511 -20.41 20.44 3.35
N PRO A 512 -20.63 21.44 4.21
CA PRO A 512 -21.16 21.37 5.58
C PRO A 512 -22.66 21.25 5.58
N LEU A 513 -23.19 20.63 6.64
CA LEU A 513 -24.54 20.78 7.09
C LEU A 513 -24.63 21.82 8.26
N PRO A 514 -25.83 22.40 8.54
CA PRO A 514 -25.94 23.34 9.63
C PRO A 514 -25.44 22.66 10.90
N LEU A 515 -24.84 23.44 11.83
CA LEU A 515 -24.25 22.93 13.01
C LEU A 515 -25.29 22.30 13.91
N GLY A 516 -26.47 22.89 13.97
CA GLY A 516 -27.58 22.22 14.64
C GLY A 516 -27.98 20.81 14.12
N HIS A 517 -27.83 20.53 12.82
CA HIS A 517 -28.11 19.17 12.34
C HIS A 517 -27.05 18.20 12.85
N ILE A 518 -25.79 18.54 12.65
CA ILE A 518 -24.70 17.78 13.23
C ILE A 518 -24.85 17.49 14.75
N LYS A 519 -25.23 18.47 15.54
CA LYS A 519 -25.39 18.19 16.97
C LYS A 519 -26.53 17.23 17.23
N ARG A 520 -27.59 17.34 16.44
CA ARG A 520 -28.71 16.42 16.60
C ARG A 520 -28.28 15.02 16.25
N MET A 521 -27.44 14.90 15.24
CA MET A 521 -27.03 13.59 14.77
C MET A 521 -26.31 12.91 15.90
N GLN A 522 -25.50 13.68 16.61
CA GLN A 522 -24.77 13.12 17.73
C GLN A 522 -25.76 12.72 18.87
N GLU A 523 -26.75 13.59 19.12
CA GLU A 523 -27.76 13.36 20.16
CA GLU A 523 -27.70 13.27 20.20
C GLU A 523 -28.50 12.03 19.86
N VAL A 524 -28.92 11.84 18.61
CA VAL A 524 -29.76 10.67 18.33
C VAL A 524 -28.97 9.42 17.91
N TYR A 525 -27.76 9.58 17.32
CA TYR A 525 -27.09 8.39 16.82
C TYR A 525 -25.82 8.09 17.56
N ASN A 526 -25.37 9.04 18.40
CA ASN A 526 -24.15 8.83 19.19
C ASN A 526 -22.98 8.27 18.32
N PHE A 527 -22.71 8.94 17.20
CA PHE A 527 -21.58 8.52 16.39
C PHE A 527 -20.24 8.69 17.14
N ASN A 528 -20.18 9.55 18.17
CA ASN A 528 -18.94 9.75 18.91
C ASN A 528 -18.46 8.48 19.59
N ALA A 529 -19.39 7.54 19.85
CA ALA A 529 -19.06 6.31 20.56
C ALA A 529 -18.51 5.28 19.59
N ILE A 530 -18.55 5.54 18.29
CA ILE A 530 -18.27 4.44 17.35
C ILE A 530 -16.75 4.40 17.15
N ASN A 531 -16.12 3.25 17.35
CA ASN A 531 -14.66 3.14 17.13
CA ASN A 531 -14.68 3.19 17.12
C ASN A 531 -14.25 2.57 15.79
N ASN A 532 -15.21 2.04 15.05
CA ASN A 532 -14.88 1.64 13.65
C ASN A 532 -14.14 2.86 12.98
N SER A 533 -12.84 2.72 12.66
CA SER A 533 -12.03 3.84 12.13
CA SER A 533 -12.04 3.84 12.13
C SER A 533 -12.59 4.46 10.81
N GLU A 534 -13.10 3.66 9.89
CA GLU A 534 -13.73 4.27 8.68
C GLU A 534 -14.93 5.17 9.00
N ILE A 535 -15.79 4.71 9.91
CA ILE A 535 -17.00 5.45 10.25
C ILE A 535 -16.62 6.67 11.06
N ARG A 536 -15.73 6.47 12.04
CA ARG A 536 -15.27 7.54 12.86
C ARG A 536 -14.61 8.66 12.03
N PHE A 537 -13.69 8.27 11.14
CA PHE A 537 -13.13 9.15 10.17
C PHE A 537 -14.15 10.07 9.45
N ARG A 538 -15.13 9.47 8.80
CA ARG A 538 -16.05 10.26 8.01
C ARG A 538 -16.93 11.15 8.90
N TRP A 539 -17.37 10.59 10.05
CA TRP A 539 -18.14 11.40 10.98
C TRP A 539 -17.33 12.60 11.49
N LEU A 540 -16.05 12.39 11.84
CA LEU A 540 -15.26 13.52 12.35
C LEU A 540 -15.02 14.59 11.23
N ARG A 541 -14.92 14.14 10.00
CA ARG A 541 -14.69 15.07 8.92
C ARG A 541 -16.01 15.89 8.78
N LEU A 542 -17.13 15.21 8.89
CA LEU A 542 -18.48 15.84 8.72
C LEU A 542 -18.55 16.97 9.80
N CYS A 543 -18.21 16.62 11.03
CA CYS A 543 -18.21 17.56 12.19
C CYS A 543 -17.32 18.81 12.02
N ILE A 544 -16.08 18.58 11.61
CA ILE A 544 -15.10 19.66 11.45
C ILE A 544 -15.46 20.56 10.27
N GLN A 545 -15.78 19.95 9.10
CA GLN A 545 -16.27 20.72 7.94
C GLN A 545 -17.55 21.50 8.27
N SER A 546 -18.41 20.98 9.18
CA SER A 546 -19.60 21.74 9.71
C SER A 546 -19.30 22.65 10.93
N LYS A 547 -18.01 22.75 11.32
CA LYS A 547 -17.55 23.78 12.17
C LYS A 547 -18.01 23.54 13.62
N TRP A 548 -18.19 22.28 14.01
CA TRP A 548 -18.41 21.92 15.40
C TRP A 548 -17.10 21.89 16.17
N GLU A 549 -16.90 22.90 17.03
CA GLU A 549 -15.67 23.01 17.80
C GLU A 549 -15.50 21.88 18.78
N ASP A 550 -16.61 21.32 19.28
CA ASP A 550 -16.38 20.17 20.19
C ASP A 550 -15.61 19.05 19.50
N ALA A 551 -15.65 18.98 18.17
CA ALA A 551 -15.09 17.83 17.45
C ALA A 551 -13.56 17.95 17.32
N ILE A 552 -13.06 19.16 17.59
CA ILE A 552 -11.66 19.48 17.37
C ILE A 552 -10.69 18.58 18.15
N PRO A 553 -10.85 18.43 19.49
CA PRO A 553 -9.95 17.47 20.17
C PRO A 553 -10.11 16.02 19.66
N LEU A 554 -11.34 15.66 19.22
CA LEU A 554 -11.56 14.29 18.71
C LEU A 554 -10.84 14.02 17.41
N ALA A 555 -10.91 14.98 16.47
CA ALA A 555 -10.21 14.90 15.15
C ALA A 555 -8.68 14.99 15.31
N LEU A 556 -8.23 15.82 16.25
CA LEU A 556 -6.80 15.96 16.37
C LEU A 556 -6.28 14.66 16.94
N LYS A 557 -7.00 14.14 17.95
CA LYS A 557 -6.63 12.90 18.58
C LYS A 557 -6.59 11.73 17.57
N MET A 558 -7.63 11.51 16.77
CA MET A 558 -7.52 10.50 15.73
C MET A 558 -6.41 10.72 14.72
N ALA A 559 -6.19 11.97 14.33
CA ALA A 559 -5.15 12.28 13.33
C ALA A 559 -3.79 11.91 13.83
N THR A 560 -3.58 11.96 15.16
CA THR A 560 -2.22 11.73 15.71
C THR A 560 -1.97 10.39 16.39
N GLU A 561 -3.07 9.71 16.80
CA GLU A 561 -2.97 8.45 17.50
CA GLU A 561 -3.04 8.44 17.51
C GLU A 561 -2.79 7.27 16.57
N GLN A 562 -3.02 7.51 15.28
CA GLN A 562 -2.73 6.53 14.23
C GLN A 562 -2.20 7.37 13.06
N GLY A 563 -1.68 6.70 12.03
CA GLY A 563 -1.07 7.45 10.97
C GLY A 563 -1.30 6.87 9.64
N ARG A 564 -2.41 6.15 9.52
CA ARG A 564 -2.90 5.71 8.19
C ARG A 564 -3.24 6.97 7.39
N MET A 565 -2.53 7.18 6.27
CA MET A 565 -2.60 8.47 5.52
C MET A 565 -3.99 8.78 4.99
N LYS A 566 -4.73 7.72 4.66
CA LYS A 566 -6.17 7.81 4.28
C LYS A 566 -6.99 8.61 5.29
N PHE A 567 -6.68 8.40 6.56
CA PHE A 567 -7.31 9.16 7.62
C PHE A 567 -6.55 10.44 8.10
N THR A 568 -5.25 10.30 8.31
CA THR A 568 -4.44 11.37 8.92
C THR A 568 -4.39 12.64 8.03
N ARG A 569 -4.26 12.46 6.74
CA ARG A 569 -4.11 13.56 5.82
C ARG A 569 -5.43 14.38 5.66
N PRO A 570 -6.56 13.73 5.42
CA PRO A 570 -7.79 14.52 5.29
C PRO A 570 -8.15 15.17 6.62
N LEU A 571 -7.93 14.46 7.73
CA LEU A 571 -8.19 15.11 9.02
C LEU A 571 -7.35 16.33 9.26
N PHE A 572 -6.02 16.21 9.13
CA PHE A 572 -5.19 17.46 9.23
C PHE A 572 -5.65 18.55 8.23
N LYS A 573 -5.88 18.20 6.97
CA LYS A 573 -6.34 19.22 6.02
C LYS A 573 -7.68 19.85 6.49
N ASP A 574 -8.63 19.05 6.97
CA ASP A 574 -9.90 19.63 7.47
C ASP A 574 -9.64 20.55 8.64
N LEU A 575 -8.79 20.10 9.55
CA LEU A 575 -8.47 20.86 10.75
C LEU A 575 -7.74 22.19 10.45
N ALA A 576 -6.78 22.14 9.53
CA ALA A 576 -6.18 23.34 8.99
C ALA A 576 -7.15 24.26 8.23
N ALA A 577 -8.22 23.75 7.60
CA ALA A 577 -9.20 24.62 6.84
C ALA A 577 -10.24 25.28 7.77
N PHE A 578 -10.30 24.81 9.03
CA PHE A 578 -11.14 25.38 10.06
C PHE A 578 -10.42 26.47 10.92
N ASP A 579 -10.85 27.74 10.80
CA ASP A 579 -10.13 28.82 11.50
C ASP A 579 -9.93 28.47 12.91
N LYS A 580 -10.96 27.88 13.56
CA LYS A 580 -10.89 27.60 15.00
C LYS A 580 -9.86 26.57 15.38
N SER A 581 -9.55 25.66 14.46
CA SER A 581 -8.54 24.63 14.78
C SER A 581 -7.21 24.82 14.03
N HIS A 582 -7.09 25.86 13.19
CA HIS A 582 -5.93 26.00 12.27
C HIS A 582 -4.67 25.92 13.06
N ASP A 583 -4.55 26.75 14.10
CA ASP A 583 -3.26 26.80 14.88
C ASP A 583 -2.93 25.53 15.65
N GLN A 584 -3.93 24.85 16.21
CA GLN A 584 -3.64 23.62 16.94
C GLN A 584 -3.14 22.56 15.91
N ALA A 585 -3.79 22.50 14.75
CA ALA A 585 -3.41 21.56 13.68
C ALA A 585 -1.96 21.72 13.27
N VAL A 586 -1.53 22.92 12.88
CA VAL A 586 -0.11 23.18 12.60
C VAL A 586 0.77 22.84 13.80
N ARG A 587 0.40 23.28 15.00
CA ARG A 587 1.22 23.00 16.17
C ARG A 587 1.33 21.51 16.42
N THR A 588 0.23 20.76 16.25
CA THR A 588 0.34 19.34 16.62
C THR A 588 1.14 18.61 15.59
N TYR A 589 0.99 19.02 14.32
CA TYR A 589 1.80 18.40 13.27
C TYR A 589 3.27 18.64 13.66
N GLN A 590 3.61 19.90 13.90
CA GLN A 590 5.00 20.19 14.29
C GLN A 590 5.43 19.38 15.54
N GLU A 591 4.69 19.31 16.62
CA GLU A 591 5.19 18.54 17.79
CA GLU A 591 5.19 18.55 17.78
C GLU A 591 5.30 17.03 17.52
N HIS A 592 4.40 16.47 16.68
CA HIS A 592 4.44 15.03 16.33
C HIS A 592 5.42 14.65 15.21
N LYS A 593 5.86 15.64 14.41
CA LYS A 593 6.58 15.36 13.18
C LYS A 593 7.73 14.35 13.39
N ALA A 594 8.53 14.57 14.46
CA ALA A 594 9.80 13.86 14.63
C ALA A 594 9.52 12.37 14.80
N SER A 595 8.32 12.05 15.25
CA SER A 595 8.03 10.70 15.56
C SER A 595 6.93 10.06 14.66
N MET A 596 6.63 10.75 13.55
CA MET A 596 5.77 10.29 12.50
C MET A 596 6.56 9.39 11.49
N HIS A 597 5.89 8.50 10.74
CA HIS A 597 6.53 7.83 9.60
C HIS A 597 7.06 8.91 8.63
N PRO A 598 8.21 8.66 8.00
CA PRO A 598 8.79 9.79 7.21
C PRO A 598 8.03 10.20 5.96
N VAL A 599 7.31 9.29 5.36
CA VAL A 599 6.58 9.63 4.17
C VAL A 599 5.32 10.38 4.65
N THR A 600 4.62 9.83 5.64
CA THR A 600 3.53 10.55 6.25
C THR A 600 3.92 11.97 6.67
N ALA A 601 5.07 12.16 7.35
CA ALA A 601 5.54 13.49 7.80
C ALA A 601 5.65 14.39 6.60
N MET A 602 6.25 13.87 5.53
CA MET A 602 6.51 14.73 4.37
C MET A 602 5.22 15.15 3.76
N LEU A 603 4.31 14.20 3.56
CA LEU A 603 3.03 14.49 2.89
CA LEU A 603 3.04 14.49 2.90
C LEU A 603 2.17 15.46 3.70
N VAL A 604 2.03 15.21 5.02
CA VAL A 604 1.19 16.11 5.87
C VAL A 604 1.83 17.53 5.87
N GLY A 605 3.15 17.58 5.89
CA GLY A 605 3.87 18.88 5.73
C GLY A 605 3.56 19.60 4.46
N LYS A 606 3.54 18.86 3.35
CA LYS A 606 3.15 19.46 2.10
C LYS A 606 1.68 19.88 2.15
N ASP A 607 0.84 18.98 2.68
CA ASP A 607 -0.58 19.29 2.74
C ASP A 607 -0.86 20.54 3.52
N LEU A 608 -0.20 20.71 4.67
CA LEU A 608 -0.38 21.89 5.51
C LEU A 608 0.48 23.14 5.12
N LYS A 609 1.42 23.00 4.18
CA LYS A 609 2.42 24.05 3.83
C LYS A 609 3.27 24.51 4.98
N VAL A 610 3.87 23.56 5.67
CA VAL A 610 4.63 23.76 6.87
C VAL A 610 5.98 23.15 6.56
N ASP A 611 7.03 23.97 6.66
CA ASP A 611 8.42 23.66 6.26
C ASP A 611 8.68 23.69 4.76
ZN ZN B . -3.22 -2.59 -3.34
O1 X8Z C . -3.91 0.50 1.79
C4 X8Z C . -4.61 0.61 0.78
C2 X8Z C . -4.97 -0.62 -0.06
C1 X8Z C . -3.76 -1.56 -0.13
S X8Z C . -2.76 -1.23 -1.63
C3 X8Z C . -6.20 -1.35 0.59
N X8Z C . -5.20 1.78 0.41
C8 X8Z C . -5.06 3.10 1.17
C9 X8Z C . -5.48 2.88 2.50
O3 X8Z C . -4.88 3.47 3.41
O2 X8Z C . -6.45 2.11 2.68
C5 X8Z C . -6.08 2.01 -0.78
C6 X8Z C . -6.14 3.55 -0.95
C7 X8Z C . -5.97 4.12 0.45
YB YB D . 32.43 -9.52 -26.60
YB YB E . -41.12 22.76 7.97
YB YB F . 15.43 -24.58 5.61
YB YB G . 40.64 -1.86 1.68
YB YB H . -3.23 -6.15 -30.85
C ACY I . 33.44 -7.54 -27.92
C ACY I . 33.99 -7.27 -27.61
O ACY I . 33.41 -7.81 -26.71
O ACY I . 34.01 -7.82 -26.52
OXT ACY I . 32.85 -8.23 -28.81
OXT ACY I . 33.48 -7.79 -28.64
CH3 ACY I . 34.17 -6.28 -28.34
CH3 ACY I . 34.62 -5.90 -27.66
C1 GOL J . 14.41 3.64 18.00
O1 GOL J . 13.98 2.36 17.69
C2 GOL J . 15.84 3.58 18.54
O2 GOL J . 16.08 4.91 18.93
C3 GOL J . 16.00 2.70 19.79
O3 GOL J . 14.96 3.00 20.67
C1 GOL K . 10.03 -8.96 -16.34
O1 GOL K . 8.98 -9.31 -17.23
C2 GOL K . 11.15 -9.99 -16.39
O2 GOL K . 10.99 -10.91 -17.46
C3 GOL K . 11.14 -10.74 -15.08
O3 GOL K . 12.35 -11.45 -15.04
#